data_9MOS
#
_entry.id   9MOS
#
_cell.length_a   1.00
_cell.length_b   1.00
_cell.length_c   1.00
_cell.angle_alpha   90.00
_cell.angle_beta   90.00
_cell.angle_gamma   90.00
#
_symmetry.space_group_name_H-M   'P 1'
#
loop_
_entity.id
_entity.type
_entity.pdbx_description
1 polymer 'Band 3 anion transport protein'
2 branched 2-acetamido-2-deoxy-beta-D-glucopyranose-(1-4)-[alpha-L-fucopyranose-(1-6)]2-acetamido-2-deoxy-beta-D-glucopyranose
3 branched alpha-D-mannopyranose-(1-6)-beta-D-mannopyranose-(1-4)-2-acetamido-2-deoxy-beta-D-glucopyranose-(1-4)-[alpha-L-fucopyranose-(1-6)]2-acetamido-2-deoxy-beta-D-glucopyranose
4 non-polymer '[(2R)-2-octanoyloxy-3-[oxidanyl-[(1R,2R,3S,4R,5R,6S)-2,3,6-tris(oxidanyl)-4,5-diphosphonooxy-cyclohexyl]oxy-phosphoryl]oxy-propyl] octanoate'
5 non-polymer 'DIUNDECYL PHOSPHATIDYL CHOLINE'
6 non-polymer 'CHLORIDE ION'
#
_entity_poly.entity_id   1
_entity_poly.type   'polypeptide(L)'
_entity_poly.pdbx_seq_one_letter_code
;MEELQDDYEDMMEENLEQEEYEDPDIPESQMEEPAAHDTEATATDYHTTSHPGTHKVYVELQELVMDEKNQELRWMEAAR
WVQLEENLGENGAWGRPHLSHLTFWSLLELRRVFTKGTVLLDLQETSLAGVANQLLDRFIFEDQIRPQDREELLRALLLK
HSHAGELEALGGVKPAVLTRSGDPSQPLLPQHSSLETQLFCEQGDGGTEGHSPSGILEKIPPDSEATLVLVGRADFLEQP
VLGFVRLQEAAELEAVELPVPIRFLFVLLGPEAPHIDYTQLGRAAATLMSERVFRIDAYMAQSRGELLHSLEGFLDCSLV
LPPTDAPSEQALLSLVPVQRELLRRRYQSSPAKPDSSFYKGLDLNGGPDDPLQQTGQLFGGLVRDIRRRYPYYLSDITDA
FSPQVLAAVIFIYFAALSPAITFGGLLGEKTRNQMGVSELLISTAVQGILFALLGAQPLLVVGFSGPLLVFEEAFFSFCE
TNGLEYIVGRVWIGFWLILLVVLVVAFEGSFLVRFISRYTQEIFSFLISLIFIYETFSKLIKIFQDHPLQKTYNYNVLMV
PKPQGPLPNTALLSLVLMAGTFFFAMMLRKFKNSSYFPGKLRRVIGDFGVPISILIMVLVDFFIQDTYTQKLSVPDGFKV
SNSSARGWVIHPLGLRSEFPIWMMFASALPALLVFILIFLESQITTLIVSKPERKMVKGSGFHLDLLLVVGMGGVAALFG
MPWLSATTVRSVTHANALTVMGKASTPGAAAQIQEVKEQRISGLLVAVLVGLSILMEPILSRIPLAVLFGIFLYMGVTSL
SGIQLFDRILLLFKPPKYHPDVPYVKRVKTWRMHLFTGIQIICLAVLWVVKSTPASLALPFVLILTVPLRRVLLPLIFRN
VELQCLDADDAKATFDEEEGRDEYDEVAMPV
;
_entity_poly.pdbx_strand_id   C,A
#
# COMPACT_ATOMS: atom_id res chain seq x y z
N PRO A 371 20.56 27.11 -29.55
CA PRO A 371 19.22 27.67 -29.34
C PRO A 371 19.19 28.70 -28.20
N LEU A 372 19.87 28.39 -27.11
CA LEU A 372 19.97 29.30 -25.97
C LEU A 372 21.26 30.10 -26.05
N GLN A 373 21.35 30.90 -27.11
CA GLN A 373 22.46 31.80 -27.33
C GLN A 373 21.90 33.20 -27.54
N GLN A 374 22.44 34.16 -26.78
CA GLN A 374 21.96 35.53 -26.88
C GLN A 374 22.33 36.10 -28.24
N THR A 375 21.34 36.20 -29.12
CA THR A 375 21.59 36.70 -30.47
C THR A 375 22.00 38.18 -30.45
N GLY A 376 21.54 38.92 -29.45
CA GLY A 376 21.78 40.35 -29.39
C GLY A 376 20.76 41.19 -30.12
N GLN A 377 19.77 40.55 -30.75
CA GLN A 377 18.72 41.23 -31.49
C GLN A 377 17.38 41.02 -30.80
N LEU A 378 16.54 42.04 -30.82
CA LEU A 378 15.26 41.97 -30.14
C LEU A 378 14.41 40.82 -30.70
N PHE A 379 13.86 40.02 -29.80
CA PHE A 379 13.05 38.86 -30.15
C PHE A 379 13.83 37.86 -30.99
N GLY A 380 15.15 37.80 -30.84
CA GLY A 380 15.96 36.93 -31.68
C GLY A 380 15.61 35.46 -31.50
N GLY A 381 15.52 35.02 -30.24
CA GLY A 381 15.22 33.63 -29.99
C GLY A 381 13.86 33.22 -30.52
N LEU A 382 12.85 34.05 -30.28
CA LEU A 382 11.50 33.72 -30.73
C LEU A 382 11.44 33.60 -32.24
N VAL A 383 12.02 34.57 -32.95
CA VAL A 383 11.98 34.54 -34.41
C VAL A 383 12.77 33.35 -34.93
N ARG A 384 13.92 33.06 -34.30
CA ARG A 384 14.71 31.91 -34.74
C ARG A 384 13.93 30.62 -34.57
N ASP A 385 13.26 30.44 -33.43
CA ASP A 385 12.48 29.23 -33.21
C ASP A 385 11.30 29.13 -34.16
N ILE A 386 10.60 30.24 -34.40
CA ILE A 386 9.44 30.20 -35.29
C ILE A 386 9.88 29.89 -36.71
N ARG A 387 11.02 30.45 -37.15
CA ARG A 387 11.57 30.09 -38.46
C ARG A 387 11.96 28.62 -38.49
N ARG A 388 12.56 28.13 -37.40
CA ARG A 388 13.02 26.75 -37.35
C ARG A 388 11.86 25.77 -37.50
N ARG A 389 10.74 26.05 -36.84
CA ARG A 389 9.65 25.08 -36.78
C ARG A 389 8.52 25.34 -37.77
N TYR A 390 8.44 26.51 -38.38
CA TYR A 390 7.36 26.76 -39.33
C TYR A 390 7.37 25.78 -40.50
N PRO A 391 8.48 25.54 -41.19
CA PRO A 391 8.41 24.71 -42.41
C PRO A 391 7.92 23.30 -42.16
N TYR A 392 8.07 22.80 -40.93
CA TYR A 392 7.69 21.42 -40.63
C TYR A 392 6.19 21.24 -40.48
N TYR A 393 5.43 22.34 -40.39
CA TYR A 393 4.02 22.31 -40.01
C TYR A 393 3.24 21.20 -40.71
N LEU A 394 3.19 21.24 -42.04
CA LEU A 394 2.40 20.25 -42.77
C LEU A 394 2.89 18.85 -42.48
N SER A 395 4.20 18.68 -42.31
CA SER A 395 4.75 17.38 -41.94
C SER A 395 4.15 16.92 -40.61
N ASP A 396 4.11 17.80 -39.62
CA ASP A 396 3.54 17.43 -38.33
C ASP A 396 2.06 17.07 -38.48
N ILE A 397 1.32 17.80 -39.31
CA ILE A 397 -0.09 17.49 -39.50
C ILE A 397 -0.27 16.10 -40.10
N THR A 398 0.52 15.79 -41.13
CA THR A 398 0.36 14.53 -41.87
C THR A 398 1.34 13.45 -41.42
N ASP A 399 2.11 13.69 -40.37
CA ASP A 399 3.08 12.70 -39.89
C ASP A 399 2.46 11.70 -38.93
N ALA A 400 1.24 11.95 -38.44
CA ALA A 400 0.64 11.04 -37.47
C ALA A 400 0.19 9.75 -38.16
N PHE A 401 -0.83 9.86 -39.02
CA PHE A 401 -1.16 8.85 -40.02
C PHE A 401 -0.90 7.42 -39.54
N SER A 402 -1.37 7.07 -38.33
CA SER A 402 -1.05 5.74 -37.82
C SER A 402 -1.84 5.42 -36.56
N PRO A 403 -1.75 4.17 -36.07
CA PRO A 403 -2.46 3.83 -34.82
C PRO A 403 -1.63 4.17 -33.59
N GLN A 404 -0.33 4.39 -33.78
CA GLN A 404 0.53 4.77 -32.66
C GLN A 404 0.05 6.09 -32.06
N VAL A 405 -0.31 7.05 -32.91
CA VAL A 405 -0.84 8.32 -32.40
C VAL A 405 -2.21 8.10 -31.77
N LEU A 406 -3.03 7.22 -32.35
CA LEU A 406 -4.35 6.95 -31.80
C LEU A 406 -4.27 6.28 -30.44
N ALA A 407 -3.16 5.63 -30.11
CA ALA A 407 -2.96 5.07 -28.79
C ALA A 407 -2.32 6.07 -27.83
N ALA A 408 -1.36 6.84 -28.33
CA ALA A 408 -0.77 7.90 -27.51
C ALA A 408 -1.83 8.90 -27.07
N VAL A 409 -2.84 9.13 -27.92
CA VAL A 409 -3.93 10.02 -27.54
C VAL A 409 -4.65 9.47 -26.32
N ILE A 410 -4.94 8.16 -26.31
CA ILE A 410 -5.64 7.58 -25.16
C ILE A 410 -4.77 7.64 -23.92
N PHE A 411 -3.47 7.37 -24.06
CA PHE A 411 -2.58 7.44 -22.90
C PHE A 411 -2.58 8.85 -22.31
N ILE A 412 -2.34 9.85 -23.15
CA ILE A 412 -2.15 11.21 -22.65
C ILE A 412 -3.46 11.83 -22.23
N TYR A 413 -4.59 11.42 -22.81
CA TYR A 413 -5.88 11.92 -22.34
C TYR A 413 -6.04 11.66 -20.85
N PHE A 414 -5.78 10.43 -20.42
CA PHE A 414 -5.92 10.11 -19.00
C PHE A 414 -4.79 10.71 -18.19
N ALA A 415 -3.56 10.70 -18.74
CA ALA A 415 -2.43 11.29 -18.03
C ALA A 415 -2.66 12.76 -17.72
N ALA A 416 -3.42 13.44 -18.58
CA ALA A 416 -3.75 14.85 -18.36
C ALA A 416 -5.04 15.05 -17.59
N LEU A 417 -5.98 14.11 -17.70
CA LEU A 417 -7.26 14.28 -17.01
C LEU A 417 -7.12 14.03 -15.52
N SER A 418 -6.35 13.02 -15.12
CA SER A 418 -6.25 12.72 -13.69
C SER A 418 -5.66 13.89 -12.89
N PRO A 419 -4.50 14.44 -13.25
CA PRO A 419 -4.04 15.64 -12.52
C PRO A 419 -5.00 16.80 -12.65
N ALA A 420 -5.66 16.93 -13.80
CA ALA A 420 -6.60 18.04 -13.99
C ALA A 420 -7.71 17.98 -12.95
N ILE A 421 -8.35 16.81 -12.79
CA ILE A 421 -9.46 16.71 -11.86
C ILE A 421 -8.96 16.80 -10.42
N THR A 422 -7.81 16.18 -10.12
CA THR A 422 -7.29 16.28 -8.76
C THR A 422 -7.05 17.73 -8.36
N PHE A 423 -6.30 18.47 -9.20
CA PHE A 423 -5.98 19.85 -8.89
C PHE A 423 -7.22 20.72 -8.91
N GLY A 424 -8.14 20.46 -9.83
CA GLY A 424 -9.38 21.21 -9.85
C GLY A 424 -10.19 21.03 -8.58
N GLY A 425 -10.26 19.79 -8.08
CA GLY A 425 -10.96 19.56 -6.83
C GLY A 425 -10.32 20.29 -5.67
N LEU A 426 -8.99 20.18 -5.55
CA LEU A 426 -8.32 20.85 -4.45
C LEU A 426 -8.51 22.37 -4.53
N LEU A 427 -8.37 22.93 -5.73
CA LEU A 427 -8.49 24.37 -5.89
C LEU A 427 -9.93 24.83 -5.66
N GLY A 428 -10.91 24.02 -6.06
CA GLY A 428 -12.29 24.37 -5.78
C GLY A 428 -12.60 24.33 -4.30
N GLU A 429 -12.03 23.38 -3.57
CA GLU A 429 -12.22 23.35 -2.12
C GLU A 429 -11.61 24.58 -1.47
N LYS A 430 -10.37 24.92 -1.84
CA LYS A 430 -9.70 26.02 -1.15
C LYS A 430 -10.28 27.36 -1.55
N THR A 431 -10.47 27.59 -2.84
CA THR A 431 -10.96 28.88 -3.33
C THR A 431 -12.48 29.00 -3.24
N ARG A 432 -13.15 28.04 -2.62
CA ARG A 432 -14.61 28.05 -2.53
C ARG A 432 -15.25 28.11 -3.91
N ASN A 433 -14.63 27.41 -4.86
CA ASN A 433 -15.13 27.21 -6.23
C ASN A 433 -15.08 28.48 -7.07
N GLN A 434 -14.37 29.51 -6.63
CA GLN A 434 -14.10 30.62 -7.54
C GLN A 434 -13.39 30.12 -8.78
N MET A 435 -12.44 29.19 -8.60
CA MET A 435 -11.86 28.42 -9.68
C MET A 435 -11.83 26.96 -9.26
N GLY A 436 -12.38 26.09 -10.10
CA GLY A 436 -12.51 24.69 -9.74
C GLY A 436 -12.24 23.74 -10.88
N VAL A 437 -12.99 22.64 -10.95
CA VAL A 437 -12.73 21.61 -11.94
C VAL A 437 -13.10 22.12 -13.33
N SER A 438 -14.25 22.77 -13.47
CA SER A 438 -14.70 23.18 -14.80
C SER A 438 -13.74 24.20 -15.41
N GLU A 439 -13.36 25.22 -14.63
CA GLU A 439 -12.44 26.23 -15.14
C GLU A 439 -11.12 25.58 -15.56
N LEU A 440 -10.60 24.69 -14.72
CA LEU A 440 -9.32 24.06 -15.03
C LEU A 440 -9.42 23.21 -16.29
N LEU A 441 -10.49 22.42 -16.43
CA LEU A 441 -10.64 21.60 -17.62
C LEU A 441 -10.72 22.45 -18.88
N ILE A 442 -11.53 23.51 -18.84
CA ILE A 442 -11.70 24.33 -20.04
C ILE A 442 -10.39 25.06 -20.37
N SER A 443 -9.69 25.55 -19.35
CA SER A 443 -8.42 26.23 -19.59
C SER A 443 -7.42 25.26 -20.20
N THR A 444 -7.30 24.06 -19.64
CA THR A 444 -6.37 23.09 -20.18
C THR A 444 -6.72 22.76 -21.63
N ALA A 445 -7.99 22.57 -21.93
CA ALA A 445 -8.39 22.24 -23.30
C ALA A 445 -8.04 23.36 -24.27
N VAL A 446 -8.47 24.59 -23.95
CA VAL A 446 -8.26 25.70 -24.88
C VAL A 446 -6.78 26.01 -25.05
N GLN A 447 -6.05 26.05 -23.94
CA GLN A 447 -4.62 26.35 -24.01
C GLN A 447 -3.87 25.23 -24.73
N GLY A 448 -4.29 23.98 -24.57
CA GLY A 448 -3.68 22.91 -25.31
C GLY A 448 -3.95 23.01 -26.80
N ILE A 449 -5.15 23.43 -27.18
CA ILE A 449 -5.44 23.65 -28.59
C ILE A 449 -4.52 24.73 -29.15
N LEU A 450 -4.40 25.86 -28.44
CA LEU A 450 -3.54 26.93 -28.91
C LEU A 450 -2.08 26.49 -28.97
N PHE A 451 -1.62 25.73 -27.97
CA PHE A 451 -0.23 25.28 -27.97
C PHE A 451 0.02 24.25 -29.05
N ALA A 452 -1.00 23.46 -29.42
CA ALA A 452 -0.84 22.53 -30.52
C ALA A 452 -0.74 23.26 -31.85
N LEU A 453 -1.56 24.31 -32.03
CA LEU A 453 -1.55 25.01 -33.31
C LEU A 453 -0.32 25.91 -33.46
N LEU A 454 0.15 26.51 -32.36
CA LEU A 454 1.16 27.56 -32.44
C LEU A 454 2.48 27.22 -31.76
N GLY A 455 2.51 26.21 -30.88
CA GLY A 455 3.70 25.97 -30.09
C GLY A 455 4.87 25.51 -30.94
N ALA A 456 6.07 25.83 -30.46
CA ALA A 456 7.28 25.38 -31.13
C ALA A 456 7.55 23.90 -30.86
N GLN A 457 7.17 23.41 -29.68
CA GLN A 457 7.33 22.01 -29.32
C GLN A 457 5.96 21.44 -28.99
N PRO A 458 5.22 20.92 -29.96
CA PRO A 458 3.86 20.44 -29.68
C PRO A 458 3.81 19.31 -28.66
N LEU A 459 4.92 18.58 -28.48
CA LEU A 459 4.91 17.46 -27.53
C LEU A 459 4.66 17.95 -26.11
N LEU A 460 5.21 19.11 -25.77
CA LEU A 460 4.99 19.67 -24.42
C LEU A 460 3.50 19.78 -24.14
N VAL A 461 3.09 19.29 -22.98
CA VAL A 461 1.70 19.31 -22.56
C VAL A 461 1.54 20.36 -21.48
N VAL A 462 0.67 21.33 -21.71
CA VAL A 462 0.42 22.40 -20.77
C VAL A 462 -0.68 21.98 -19.81
N GLY A 463 -0.41 22.08 -18.51
CA GLY A 463 -1.38 21.67 -17.51
C GLY A 463 -1.02 22.27 -16.17
N PHE A 464 -2.04 22.33 -15.31
CA PHE A 464 -1.84 22.82 -13.94
C PHE A 464 -0.90 21.88 -13.20
N SER A 465 0.06 22.46 -12.49
CA SER A 465 1.07 21.71 -11.76
C SER A 465 0.97 22.04 -10.27
N GLY A 466 1.84 21.40 -9.49
CA GLY A 466 1.87 21.60 -8.06
C GLY A 466 2.26 23.01 -7.66
N PRO A 467 3.33 23.55 -8.26
CA PRO A 467 3.72 24.92 -7.91
C PRO A 467 2.64 25.94 -8.16
N LEU A 468 1.90 25.79 -9.26
CA LEU A 468 0.81 26.71 -9.55
C LEU A 468 -0.26 26.64 -8.48
N LEU A 469 -0.60 25.42 -8.04
CA LEU A 469 -1.57 25.26 -6.96
C LEU A 469 -1.06 25.92 -5.68
N VAL A 470 0.22 25.74 -5.36
CA VAL A 470 0.76 26.32 -4.13
C VAL A 470 0.65 27.84 -4.19
N PHE A 471 1.05 28.44 -5.31
CA PHE A 471 0.95 29.89 -5.43
C PHE A 471 -0.49 30.34 -5.35
N GLU A 472 -1.42 29.60 -5.95
CA GLU A 472 -2.82 29.99 -5.93
C GLU A 472 -3.36 29.96 -4.50
N GLU A 473 -3.00 28.94 -3.73
CA GLU A 473 -3.40 28.90 -2.33
C GLU A 473 -2.84 30.09 -1.57
N ALA A 474 -1.56 30.40 -1.83
CA ALA A 474 -0.93 31.53 -1.14
C ALA A 474 -1.63 32.84 -1.48
N PHE A 475 -1.96 33.04 -2.76
CA PHE A 475 -2.58 34.28 -3.16
C PHE A 475 -4.01 34.38 -2.65
N PHE A 476 -4.74 33.26 -2.63
CA PHE A 476 -6.08 33.28 -2.05
C PHE A 476 -6.02 33.65 -0.57
N SER A 477 -5.07 33.07 0.16
CA SER A 477 -4.92 33.43 1.57
C SER A 477 -4.56 34.91 1.73
N PHE A 478 -3.66 35.41 0.87
CA PHE A 478 -3.29 36.82 0.95
C PHE A 478 -4.51 37.71 0.70
N CYS A 479 -5.30 37.41 -0.32
CA CYS A 479 -6.47 38.21 -0.62
C CYS A 479 -7.48 38.15 0.53
N GLU A 480 -7.67 36.96 1.11
CA GLU A 480 -8.57 36.85 2.25
C GLU A 480 -8.09 37.71 3.41
N THR A 481 -6.79 37.68 3.69
CA THR A 481 -6.27 38.47 4.80
C THR A 481 -6.36 39.97 4.53
N ASN A 482 -6.24 40.38 3.27
CA ASN A 482 -6.25 41.79 2.89
C ASN A 482 -7.61 42.25 2.38
N GLY A 483 -8.63 41.40 2.43
CA GLY A 483 -9.96 41.82 2.01
C GLY A 483 -10.05 42.24 0.57
N LEU A 484 -9.33 41.56 -0.32
CA LEU A 484 -9.35 41.84 -1.74
C LEU A 484 -10.11 40.74 -2.48
N GLU A 485 -10.54 41.06 -3.69
CA GLU A 485 -11.17 40.07 -4.55
C GLU A 485 -10.10 39.27 -5.27
N TYR A 486 -10.02 37.97 -4.94
CA TYR A 486 -8.97 37.11 -5.47
C TYR A 486 -9.05 37.01 -6.99
N ILE A 487 -10.27 36.87 -7.52
CA ILE A 487 -10.44 36.64 -8.95
C ILE A 487 -10.02 37.86 -9.76
N VAL A 488 -10.01 39.05 -9.17
CA VAL A 488 -9.61 40.27 -9.88
C VAL A 488 -8.12 40.55 -9.71
N GLY A 489 -7.60 40.32 -8.51
CA GLY A 489 -6.16 40.36 -8.34
C GLY A 489 -5.46 39.42 -9.31
N ARG A 490 -6.08 38.28 -9.58
CA ARG A 490 -5.51 37.37 -10.58
C ARG A 490 -5.51 38.01 -11.96
N VAL A 491 -6.56 38.76 -12.31
CA VAL A 491 -6.60 39.42 -13.61
C VAL A 491 -5.45 40.41 -13.73
N TRP A 492 -5.23 41.20 -12.69
CA TRP A 492 -4.14 42.17 -12.73
C TRP A 492 -2.78 41.47 -12.78
N ILE A 493 -2.64 40.37 -12.06
CA ILE A 493 -1.41 39.58 -12.14
C ILE A 493 -1.19 39.09 -13.56
N GLY A 494 -2.27 38.70 -14.25
CA GLY A 494 -2.13 38.26 -15.62
C GLY A 494 -1.68 39.38 -16.55
N PHE A 495 -2.24 40.58 -16.37
CA PHE A 495 -1.77 41.73 -17.14
C PHE A 495 -0.27 41.95 -16.94
N TRP A 496 0.15 41.99 -15.68
CA TRP A 496 1.56 42.21 -15.40
C TRP A 496 2.42 41.09 -15.96
N LEU A 497 1.92 39.84 -15.94
CA LEU A 497 2.67 38.74 -16.50
C LEU A 497 2.86 38.90 -18.00
N ILE A 498 1.81 39.33 -18.70
CA ILE A 498 1.92 39.56 -20.14
C ILE A 498 3.01 40.59 -20.41
N LEU A 499 2.96 41.72 -19.69
CA LEU A 499 3.98 42.74 -19.91
C LEU A 499 5.37 42.20 -19.60
N LEU A 500 5.50 41.47 -18.49
CA LEU A 500 6.79 40.97 -18.08
C LEU A 500 7.38 40.02 -19.11
N VAL A 501 6.55 39.15 -19.68
CA VAL A 501 7.09 38.20 -20.66
C VAL A 501 7.45 38.92 -21.95
N VAL A 502 6.65 39.92 -22.33
CA VAL A 502 7.04 40.71 -23.50
C VAL A 502 8.44 41.28 -23.30
N LEU A 503 8.68 41.89 -22.13
CA LEU A 503 10.00 42.46 -21.87
C LEU A 503 11.08 41.37 -21.85
N VAL A 504 10.83 40.27 -21.15
CA VAL A 504 11.87 39.26 -20.96
C VAL A 504 12.24 38.60 -22.28
N VAL A 505 11.25 38.42 -23.16
CA VAL A 505 11.53 37.85 -24.47
C VAL A 505 12.17 38.88 -25.39
N ALA A 506 11.92 40.17 -25.16
CA ALA A 506 12.62 41.20 -25.93
C ALA A 506 14.13 41.06 -25.76
N PHE A 507 14.60 41.00 -24.52
CA PHE A 507 16.00 40.78 -24.20
C PHE A 507 16.12 39.35 -23.69
N GLU A 508 16.71 38.47 -24.51
CA GLU A 508 16.70 37.04 -24.21
C GLU A 508 17.06 36.80 -22.75
N GLY A 509 16.09 36.28 -21.99
CA GLY A 509 16.30 35.93 -20.60
C GLY A 509 16.24 34.44 -20.39
N SER A 510 15.97 33.69 -21.46
CA SER A 510 15.94 32.24 -21.37
C SER A 510 17.31 31.68 -21.01
N PHE A 511 18.38 32.43 -21.31
CA PHE A 511 19.72 31.99 -20.93
C PHE A 511 19.87 31.88 -19.42
N LEU A 512 19.00 32.53 -18.66
CA LEU A 512 19.05 32.42 -17.21
C LEU A 512 18.78 30.99 -16.74
N VAL A 513 18.09 30.18 -17.56
CA VAL A 513 17.85 28.80 -17.19
C VAL A 513 19.16 28.06 -16.99
N ARG A 514 20.25 28.54 -17.61
CA ARG A 514 21.55 27.95 -17.36
C ARG A 514 21.95 28.10 -15.90
N PHE A 515 21.67 29.27 -15.30
CA PHE A 515 21.96 29.47 -13.89
C PHE A 515 21.15 28.51 -13.02
N ILE A 516 19.97 28.11 -13.47
CA ILE A 516 19.15 27.18 -12.70
C ILE A 516 19.83 25.81 -12.75
N SER A 517 20.49 25.43 -11.67
CA SER A 517 21.29 24.23 -11.59
C SER A 517 20.45 23.10 -11.00
N ARG A 518 21.05 21.91 -10.92
CA ARG A 518 20.35 20.79 -10.30
C ARG A 518 19.99 21.09 -8.85
N TYR A 519 20.78 21.93 -8.18
CA TYR A 519 20.48 22.29 -6.79
C TYR A 519 19.06 22.81 -6.65
N THR A 520 18.72 23.83 -7.44
CA THR A 520 17.42 24.48 -7.29
C THR A 520 16.30 23.58 -7.80
N GLN A 521 16.55 22.84 -8.89
CA GLN A 521 15.53 21.92 -9.39
C GLN A 521 15.18 20.87 -8.35
N GLU A 522 16.19 20.31 -7.69
CA GLU A 522 15.94 19.29 -6.68
C GLU A 522 15.22 19.87 -5.48
N ILE A 523 15.66 21.04 -4.99
CA ILE A 523 14.96 21.65 -3.87
C ILE A 523 13.50 21.90 -4.23
N PHE A 524 13.26 22.43 -5.42
CA PHE A 524 11.90 22.73 -5.87
C PHE A 524 11.05 21.47 -5.90
N SER A 525 11.52 20.43 -6.58
CA SER A 525 10.72 19.22 -6.74
C SER A 525 10.47 18.54 -5.40
N PHE A 526 11.49 18.47 -4.54
CA PHE A 526 11.31 17.85 -3.23
C PHE A 526 10.31 18.64 -2.41
N LEU A 527 10.38 19.96 -2.45
CA LEU A 527 9.43 20.78 -1.70
C LEU A 527 8.00 20.55 -2.21
N ILE A 528 7.82 20.46 -3.53
CA ILE A 528 6.49 20.24 -4.07
C ILE A 528 5.95 18.88 -3.66
N SER A 529 6.80 17.85 -3.70
CA SER A 529 6.35 16.53 -3.26
C SER A 529 5.97 16.53 -1.79
N LEU A 530 6.77 17.18 -0.95
CA LEU A 530 6.44 17.28 0.47
C LEU A 530 5.12 18.01 0.66
N ILE A 531 4.90 19.07 -0.10
CA ILE A 531 3.64 19.81 0.00
C ILE A 531 2.47 18.93 -0.38
N PHE A 532 2.63 18.14 -1.44
CA PHE A 532 1.55 17.24 -1.85
C PHE A 532 1.21 16.25 -0.75
N ILE A 533 2.23 15.60 -0.18
CA ILE A 533 2.00 14.61 0.87
C ILE A 533 1.32 15.26 2.07
N TYR A 534 1.87 16.38 2.53
CA TYR A 534 1.33 17.04 3.71
C TYR A 534 -0.09 17.51 3.47
N GLU A 535 -0.38 18.03 2.27
CA GLU A 535 -1.73 18.49 1.97
C GLU A 535 -2.70 17.33 1.98
N THR A 536 -2.32 16.20 1.38
CA THR A 536 -3.20 15.03 1.41
C THR A 536 -3.56 14.65 2.84
N PHE A 537 -2.54 14.51 3.69
CA PHE A 537 -2.81 14.05 5.05
C PHE A 537 -3.54 15.10 5.87
N SER A 538 -3.29 16.39 5.62
CA SER A 538 -4.01 17.44 6.34
C SER A 538 -5.48 17.48 5.92
N LYS A 539 -5.77 17.25 4.64
CA LYS A 539 -7.15 17.21 4.21
C LYS A 539 -7.87 16.00 4.80
N LEU A 540 -7.18 14.86 4.91
CA LEU A 540 -7.77 13.71 5.58
C LEU A 540 -8.05 14.02 7.04
N ILE A 541 -7.11 14.68 7.72
CA ILE A 541 -7.32 15.06 9.11
C ILE A 541 -8.53 16.00 9.23
N LYS A 542 -8.67 16.92 8.27
CA LYS A 542 -9.83 17.80 8.29
C LYS A 542 -11.13 17.02 8.12
N ILE A 543 -11.13 16.04 7.22
CA ILE A 543 -12.33 15.21 7.05
C ILE A 543 -12.67 14.52 8.36
N PHE A 544 -11.66 13.99 9.05
CA PHE A 544 -11.92 13.36 10.34
C PHE A 544 -12.47 14.36 11.35
N GLN A 545 -11.91 15.57 11.37
CA GLN A 545 -12.37 16.59 12.30
C GLN A 545 -13.82 16.96 12.05
N ASP A 546 -14.21 17.08 10.78
CA ASP A 546 -15.60 17.40 10.46
C ASP A 546 -16.55 16.29 10.88
N HIS A 547 -16.11 15.04 10.78
CA HIS A 547 -16.95 13.87 11.05
C HIS A 547 -16.24 12.95 12.03
N PRO A 548 -16.11 13.38 13.28
CA PRO A 548 -15.39 12.56 14.27
C PRO A 548 -16.09 11.23 14.53
N LEU A 549 -15.28 10.24 14.91
CA LEU A 549 -15.84 8.95 15.32
C LEU A 549 -16.52 9.12 16.67
N GLN A 550 -17.85 9.01 16.67
CA GLN A 550 -18.66 9.33 17.84
C GLN A 550 -19.46 8.11 18.27
N LYS A 551 -19.82 8.08 19.55
CA LYS A 551 -20.71 7.04 20.05
C LYS A 551 -22.08 7.13 19.40
N THR A 552 -22.61 8.35 19.29
CA THR A 552 -23.93 8.58 18.72
C THR A 552 -23.88 9.81 17.82
N TYR A 553 -24.72 9.80 16.80
CA TYR A 553 -24.84 10.90 15.85
C TYR A 553 -26.27 11.42 15.86
N ASN A 554 -26.42 12.71 15.58
CA ASN A 554 -27.73 13.33 15.48
C ASN A 554 -28.28 13.07 14.08
N TYR A 555 -28.59 11.80 13.82
CA TYR A 555 -29.03 11.40 12.49
C TYR A 555 -30.17 12.28 12.01
N ASN A 556 -30.35 12.33 10.69
CA ASN A 556 -31.28 13.21 10.01
C ASN A 556 -30.74 14.63 9.88
N VAL A 557 -29.42 14.82 10.00
CA VAL A 557 -28.84 16.14 9.78
C VAL A 557 -29.14 16.60 8.36
N LEU A 558 -29.16 17.90 8.16
CA LEU A 558 -29.39 18.47 6.85
C LEU A 558 -28.07 18.62 6.11
N MET A 559 -28.03 18.20 4.83
CA MET A 559 -26.88 18.43 3.97
C MET A 559 -27.39 19.01 2.66
N VAL A 560 -27.69 20.30 2.63
CA VAL A 560 -28.01 20.97 1.37
C VAL A 560 -26.70 21.35 0.68
N PRO A 561 -25.87 22.22 1.28
CA PRO A 561 -24.53 22.46 0.72
C PRO A 561 -23.56 21.35 1.09
N LYS A 562 -23.62 20.97 2.37
CA LYS A 562 -22.74 19.96 2.94
C LYS A 562 -23.30 19.56 4.30
N PRO A 563 -22.95 18.39 4.81
CA PRO A 563 -23.44 17.98 6.13
C PRO A 563 -23.20 19.07 7.16
N GLN A 564 -24.25 19.41 7.91
CA GLN A 564 -24.15 20.41 8.96
C GLN A 564 -23.68 19.83 10.28
N GLY A 565 -23.44 18.52 10.34
CA GLY A 565 -22.94 17.89 11.53
C GLY A 565 -22.19 16.62 11.22
N PRO A 566 -21.58 16.01 12.24
CA PRO A 566 -20.85 14.76 12.01
C PRO A 566 -21.75 13.66 11.46
N LEU A 567 -21.15 12.81 10.64
CA LEU A 567 -21.84 11.70 10.00
C LEU A 567 -21.09 10.40 10.27
N PRO A 568 -21.79 9.27 10.29
CA PRO A 568 -21.11 8.00 10.55
C PRO A 568 -20.48 7.42 9.28
N ASN A 569 -19.32 6.79 9.45
CA ASN A 569 -18.65 6.04 8.40
C ASN A 569 -18.02 6.95 7.34
N THR A 570 -18.25 8.26 7.44
CA THR A 570 -17.74 9.15 6.40
C THR A 570 -16.23 9.28 6.49
N ALA A 571 -15.70 9.53 7.68
CA ALA A 571 -14.25 9.71 7.82
C ALA A 571 -13.50 8.42 7.51
N LEU A 572 -13.92 7.31 8.12
CA LEU A 572 -13.23 6.05 7.89
C LEU A 572 -13.37 5.59 6.45
N LEU A 573 -14.54 5.78 5.85
CA LEU A 573 -14.71 5.40 4.45
C LEU A 573 -13.83 6.25 3.54
N SER A 574 -13.72 7.55 3.82
CA SER A 574 -12.84 8.39 3.02
C SER A 574 -11.39 7.95 3.17
N LEU A 575 -10.97 7.62 4.40
CA LEU A 575 -9.62 7.13 4.61
C LEU A 575 -9.38 5.84 3.83
N VAL A 576 -10.37 4.93 3.86
CA VAL A 576 -10.24 3.66 3.15
C VAL A 576 -10.15 3.89 1.65
N LEU A 577 -10.97 4.80 1.13
CA LEU A 577 -10.93 5.09 -0.31
C LEU A 577 -9.58 5.66 -0.71
N MET A 578 -9.07 6.60 0.07
CA MET A 578 -7.76 7.17 -0.22
C MET A 578 -6.67 6.09 -0.21
N ALA A 579 -6.65 5.29 0.85
CA ALA A 579 -5.62 4.25 0.96
C ALA A 579 -5.73 3.24 -0.16
N GLY A 580 -6.95 2.86 -0.53
CA GLY A 580 -7.13 1.90 -1.59
C GLY A 580 -6.70 2.43 -2.94
N THR A 581 -7.03 3.68 -3.25
CA THR A 581 -6.59 4.27 -4.50
C THR A 581 -5.07 4.32 -4.56
N PHE A 582 -4.44 4.77 -3.48
CA PHE A 582 -2.99 4.83 -3.45
C PHE A 582 -2.37 3.45 -3.62
N PHE A 583 -2.92 2.45 -2.91
CA PHE A 583 -2.38 1.10 -2.97
C PHE A 583 -2.51 0.51 -4.37
N PHE A 584 -3.67 0.68 -4.99
CA PHE A 584 -3.87 0.12 -6.33
C PHE A 584 -2.98 0.82 -7.35
N ALA A 585 -2.84 2.14 -7.26
CA ALA A 585 -1.96 2.85 -8.18
C ALA A 585 -0.51 2.38 -8.02
N MET A 586 -0.06 2.24 -6.77
CA MET A 586 1.31 1.79 -6.55
C MET A 586 1.51 0.36 -7.04
N MET A 587 0.53 -0.52 -6.81
CA MET A 587 0.67 -1.90 -7.24
C MET A 587 0.69 -2.01 -8.76
N LEU A 588 -0.12 -1.20 -9.45
CA LEU A 588 -0.08 -1.21 -10.91
C LEU A 588 1.23 -0.61 -11.43
N ARG A 589 1.78 0.38 -10.72
CA ARG A 589 3.11 0.88 -11.08
C ARG A 589 4.15 -0.22 -10.95
N LYS A 590 4.09 -1.00 -9.86
CA LYS A 590 5.02 -2.12 -9.70
C LYS A 590 4.80 -3.16 -10.80
N PHE A 591 3.54 -3.44 -11.13
CA PHE A 591 3.25 -4.42 -12.17
C PHE A 591 3.79 -3.98 -13.53
N LYS A 592 3.78 -2.68 -13.81
CA LYS A 592 4.30 -2.20 -15.08
C LYS A 592 5.74 -2.66 -15.29
N ASN A 593 6.53 -2.69 -14.22
CA ASN A 593 7.95 -3.02 -14.28
C ASN A 593 8.23 -4.44 -13.82
N SER A 594 7.22 -5.31 -13.82
CA SER A 594 7.34 -6.67 -13.35
C SER A 594 7.72 -7.58 -14.51
N SER A 595 7.66 -8.89 -14.26
CA SER A 595 7.99 -9.92 -15.24
C SER A 595 6.82 -10.86 -15.45
N TYR A 596 5.61 -10.32 -15.49
CA TYR A 596 4.39 -11.10 -15.58
C TYR A 596 3.63 -10.73 -16.85
N PHE A 597 2.90 -11.70 -17.40
CA PHE A 597 1.99 -11.52 -18.52
C PHE A 597 2.78 -11.31 -19.81
N PRO A 598 2.12 -11.31 -20.98
CA PRO A 598 2.85 -11.31 -22.26
C PRO A 598 3.79 -10.14 -22.49
N GLY A 599 3.91 -9.22 -21.54
CA GLY A 599 4.86 -8.14 -21.66
C GLY A 599 4.29 -6.87 -22.25
N LYS A 600 3.85 -6.92 -23.51
CA LYS A 600 3.18 -5.75 -24.08
C LYS A 600 1.90 -5.43 -23.33
N LEU A 601 1.12 -6.47 -22.99
CA LEU A 601 -0.08 -6.25 -22.19
C LEU A 601 0.28 -5.75 -20.80
N ARG A 602 1.40 -6.22 -20.25
CA ARG A 602 1.84 -5.74 -18.94
C ARG A 602 2.07 -4.24 -18.99
N ARG A 603 2.77 -3.76 -20.02
CA ARG A 603 3.02 -2.33 -20.12
C ARG A 603 1.74 -1.55 -20.40
N VAL A 604 0.84 -2.11 -21.20
CA VAL A 604 -0.42 -1.43 -21.47
C VAL A 604 -1.22 -1.26 -20.18
N ILE A 605 -1.27 -2.30 -19.36
CA ILE A 605 -2.00 -2.20 -18.09
C ILE A 605 -1.27 -1.25 -17.14
N GLY A 606 0.06 -1.27 -17.15
CA GLY A 606 0.80 -0.38 -16.27
C GLY A 606 0.59 1.08 -16.61
N ASP A 607 0.52 1.40 -17.90
CA ASP A 607 0.23 2.77 -18.30
C ASP A 607 -1.15 3.20 -17.80
N PHE A 608 -2.14 2.33 -17.92
CA PHE A 608 -3.48 2.59 -17.41
C PHE A 608 -3.61 2.18 -15.95
N GLY A 609 -2.70 2.66 -15.10
CA GLY A 609 -2.72 2.28 -13.71
C GLY A 609 -3.54 3.22 -12.86
N VAL A 610 -3.24 4.52 -12.95
CA VAL A 610 -3.99 5.51 -12.19
C VAL A 610 -5.45 5.54 -12.61
N PRO A 611 -5.79 5.56 -13.91
CA PRO A 611 -7.20 5.49 -14.29
C PRO A 611 -7.90 4.25 -13.76
N ILE A 612 -7.23 3.10 -13.80
CA ILE A 612 -7.85 1.87 -13.32
C ILE A 612 -8.10 1.94 -11.82
N SER A 613 -7.15 2.48 -11.06
N SER A 613 -7.15 2.49 -11.06
CA SER A 613 -7.36 2.62 -9.62
CA SER A 613 -7.36 2.63 -9.63
C SER A 613 -8.51 3.59 -9.34
C SER A 613 -8.51 3.59 -9.34
N ILE A 614 -8.58 4.69 -10.08
CA ILE A 614 -9.68 5.63 -9.90
C ILE A 614 -11.02 4.94 -10.18
N LEU A 615 -11.07 4.19 -11.28
CA LEU A 615 -12.30 3.46 -11.61
C LEU A 615 -12.67 2.46 -10.53
N ILE A 616 -11.68 1.72 -10.03
CA ILE A 616 -11.96 0.69 -9.03
C ILE A 616 -12.52 1.31 -7.77
N MET A 617 -11.86 2.37 -7.27
CA MET A 617 -12.32 2.97 -6.02
C MET A 617 -13.63 3.72 -6.20
N VAL A 618 -13.84 4.33 -7.37
CA VAL A 618 -15.11 4.99 -7.64
C VAL A 618 -16.23 3.97 -7.65
N LEU A 619 -16.01 2.79 -8.24
CA LEU A 619 -17.01 1.75 -8.22
C LEU A 619 -17.28 1.26 -6.80
N VAL A 620 -16.20 1.06 -6.03
CA VAL A 620 -16.36 0.60 -4.65
C VAL A 620 -17.22 1.58 -3.86
N ASP A 621 -16.98 2.87 -4.03
CA ASP A 621 -17.80 3.87 -3.36
C ASP A 621 -19.22 3.89 -3.92
N PHE A 622 -19.35 3.66 -5.23
CA PHE A 622 -20.65 3.74 -5.87
C PHE A 622 -21.60 2.67 -5.37
N PHE A 623 -21.08 1.47 -5.12
CA PHE A 623 -21.92 0.39 -4.64
C PHE A 623 -22.22 0.49 -3.15
N ILE A 624 -21.58 1.42 -2.44
CA ILE A 624 -21.92 1.73 -1.05
C ILE A 624 -22.76 3.00 -1.09
N GLN A 625 -24.08 2.83 -1.16
CA GLN A 625 -24.97 3.97 -1.41
C GLN A 625 -25.37 4.71 -0.14
N ASP A 626 -25.42 4.02 1.00
CA ASP A 626 -25.93 4.66 2.21
C ASP A 626 -24.94 5.67 2.79
N THR A 627 -23.67 5.31 2.84
CA THR A 627 -22.67 6.20 3.40
C THR A 627 -22.46 7.42 2.51
N TYR A 628 -22.14 8.55 3.12
CA TYR A 628 -21.90 9.79 2.40
C TYR A 628 -20.40 10.06 2.33
N THR A 629 -19.91 10.37 1.13
CA THR A 629 -18.56 10.88 0.94
C THR A 629 -18.65 12.05 -0.01
N GLN A 630 -17.89 13.12 0.29
CA GLN A 630 -17.91 14.29 -0.56
C GLN A 630 -17.41 13.95 -1.95
N LYS A 631 -18.04 14.54 -2.96
CA LYS A 631 -17.74 14.24 -4.36
C LYS A 631 -17.16 15.47 -5.04
N LEU A 632 -16.76 15.29 -6.29
CA LEU A 632 -16.29 16.40 -7.11
C LEU A 632 -17.44 17.36 -7.37
N SER A 633 -17.14 18.65 -7.37
CA SER A 633 -18.13 19.68 -7.65
C SER A 633 -17.99 20.10 -9.10
N VAL A 634 -18.85 19.57 -9.96
CA VAL A 634 -18.81 19.83 -11.39
C VAL A 634 -20.18 20.30 -11.83
N PRO A 635 -20.31 21.48 -12.45
CA PRO A 635 -21.61 21.89 -12.98
C PRO A 635 -22.01 21.05 -14.18
N ASP A 636 -23.31 21.08 -14.48
CA ASP A 636 -23.86 20.18 -15.49
C ASP A 636 -23.18 20.35 -16.84
N GLY A 637 -23.00 21.60 -17.27
CA GLY A 637 -22.42 21.86 -18.58
C GLY A 637 -21.24 22.80 -18.54
N PHE A 638 -21.12 23.65 -19.55
CA PHE A 638 -20.03 24.62 -19.63
C PHE A 638 -20.42 25.85 -18.81
N LYS A 639 -20.35 25.70 -17.50
CA LYS A 639 -20.67 26.77 -16.57
C LYS A 639 -19.60 26.84 -15.49
N VAL A 640 -19.43 28.04 -14.93
CA VAL A 640 -18.46 28.21 -13.86
C VAL A 640 -18.89 27.36 -12.66
N SER A 641 -17.92 27.01 -11.82
CA SER A 641 -18.21 26.16 -10.66
C SER A 641 -19.19 26.85 -9.72
N ASN A 642 -18.99 28.13 -9.47
CA ASN A 642 -19.83 28.91 -8.56
C ASN A 642 -20.43 30.08 -9.35
N SER A 643 -21.66 29.88 -9.84
CA SER A 643 -22.30 30.90 -10.66
C SER A 643 -22.52 32.19 -9.87
N SER A 644 -22.93 32.08 -8.61
CA SER A 644 -23.20 33.27 -7.82
C SER A 644 -21.94 34.10 -7.62
N ALA A 645 -20.82 33.45 -7.34
CA ALA A 645 -19.60 34.18 -7.03
C ALA A 645 -19.10 34.97 -8.24
N ARG A 646 -19.16 34.40 -9.43
CA ARG A 646 -18.52 34.98 -10.60
C ARG A 646 -19.23 34.53 -11.86
N GLY A 647 -18.95 35.24 -12.95
CA GLY A 647 -19.42 34.87 -14.27
C GLY A 647 -18.27 34.49 -15.17
N TRP A 648 -18.53 34.32 -16.47
CA TRP A 648 -17.47 33.88 -17.38
C TRP A 648 -16.38 34.93 -17.50
N VAL A 649 -16.75 36.20 -17.62
CA VAL A 649 -15.81 37.29 -17.81
C VAL A 649 -15.64 38.02 -16.49
N ILE A 650 -14.39 38.32 -16.14
CA ILE A 650 -14.05 39.03 -14.90
C ILE A 650 -13.78 40.49 -15.24
N HIS A 651 -14.52 41.39 -14.60
CA HIS A 651 -14.33 42.81 -14.84
C HIS A 651 -13.10 43.29 -14.08
N PRO A 652 -12.08 43.84 -14.76
CA PRO A 652 -10.84 44.16 -14.04
C PRO A 652 -11.02 45.11 -12.88
N LEU A 653 -11.93 46.08 -12.98
CA LEU A 653 -12.06 47.09 -11.94
C LEU A 653 -12.73 46.54 -10.69
N GLY A 654 -13.48 45.45 -10.81
CA GLY A 654 -14.12 44.85 -9.66
C GLY A 654 -15.39 44.10 -9.99
N LEU A 655 -15.74 43.12 -9.15
CA LEU A 655 -16.96 42.35 -9.29
C LEU A 655 -18.08 42.85 -8.39
N ARG A 656 -17.82 42.97 -7.09
CA ARG A 656 -18.78 43.50 -6.13
C ARG A 656 -18.35 44.83 -5.53
N SER A 657 -17.05 45.07 -5.42
CA SER A 657 -16.53 46.28 -4.80
C SER A 657 -15.35 46.79 -5.62
N GLU A 658 -15.01 48.05 -5.39
CA GLU A 658 -13.89 48.67 -6.09
C GLU A 658 -12.59 47.95 -5.77
N PHE A 659 -11.79 47.69 -6.80
CA PHE A 659 -10.47 47.10 -6.58
C PHE A 659 -9.50 48.20 -6.18
N PRO A 660 -8.77 48.06 -5.08
CA PRO A 660 -7.88 49.15 -4.65
C PRO A 660 -6.87 49.52 -5.73
N ILE A 661 -6.63 50.83 -5.86
CA ILE A 661 -5.69 51.31 -6.86
C ILE A 661 -4.29 50.81 -6.55
N TRP A 662 -3.88 50.85 -5.27
CA TRP A 662 -2.52 50.48 -4.93
C TRP A 662 -2.23 49.03 -5.33
N MET A 663 -3.23 48.16 -5.26
CA MET A 663 -3.01 46.77 -5.62
C MET A 663 -2.79 46.60 -7.12
N MET A 664 -3.35 47.47 -7.94
CA MET A 664 -3.14 47.37 -9.37
C MET A 664 -1.66 47.51 -9.71
N PHE A 665 -0.99 48.49 -9.12
CA PHE A 665 0.44 48.65 -9.34
C PHE A 665 1.24 47.62 -8.54
N ALA A 666 0.79 47.30 -7.33
CA ALA A 666 1.53 46.42 -6.44
C ALA A 666 1.41 44.95 -6.82
N SER A 667 0.50 44.60 -7.73
CA SER A 667 0.39 43.21 -8.18
C SER A 667 1.32 42.95 -9.36
N ALA A 668 2.57 43.35 -9.18
CA ALA A 668 3.64 43.04 -10.11
C ALA A 668 4.71 42.16 -9.51
N LEU A 669 4.93 42.26 -8.19
CA LEU A 669 5.72 41.25 -7.50
C LEU A 669 5.07 39.88 -7.57
N PRO A 670 3.77 39.73 -7.30
CA PRO A 670 3.13 38.42 -7.52
C PRO A 670 3.28 37.93 -8.95
N ALA A 671 3.18 38.84 -9.93
CA ALA A 671 3.38 38.44 -11.32
C ALA A 671 4.80 37.95 -11.53
N LEU A 672 5.79 38.61 -10.92
CA LEU A 672 7.17 38.17 -11.05
C LEU A 672 7.36 36.80 -10.43
N LEU A 673 6.76 36.55 -9.27
CA LEU A 673 6.87 35.24 -8.64
C LEU A 673 6.21 34.15 -9.48
N VAL A 674 5.04 34.44 -10.04
CA VAL A 674 4.37 33.47 -10.91
C VAL A 674 5.23 33.19 -12.13
N PHE A 675 5.83 34.23 -12.71
CA PHE A 675 6.72 34.03 -13.84
C PHE A 675 7.91 33.19 -13.43
N ILE A 676 8.45 33.40 -12.23
CA ILE A 676 9.57 32.57 -11.78
C ILE A 676 9.16 31.11 -11.75
N LEU A 677 8.00 30.82 -11.17
CA LEU A 677 7.54 29.44 -11.08
C LEU A 677 7.36 28.82 -12.47
N ILE A 678 6.61 29.51 -13.34
CA ILE A 678 6.33 28.97 -14.66
C ILE A 678 7.62 28.85 -15.46
N PHE A 679 8.49 29.86 -15.39
CA PHE A 679 9.77 29.82 -16.09
C PHE A 679 10.58 28.61 -15.67
N LEU A 680 10.77 28.44 -14.36
CA LEU A 680 11.56 27.30 -13.90
C LEU A 680 10.97 26.00 -14.42
N GLU A 681 9.68 25.78 -14.18
CA GLU A 681 9.09 24.49 -14.55
C GLU A 681 9.16 24.27 -16.05
N SER A 682 8.70 25.23 -16.83
CA SER A 682 8.61 25.07 -18.28
C SER A 682 9.98 24.92 -18.91
N GLN A 683 10.95 25.74 -18.49
CA GLN A 683 12.26 25.68 -19.12
C GLN A 683 13.02 24.41 -18.72
N ILE A 684 12.84 23.95 -17.48
CA ILE A 684 13.42 22.66 -17.12
C ILE A 684 12.81 21.56 -17.97
N THR A 685 11.49 21.61 -18.17
CA THR A 685 10.86 20.63 -19.04
C THR A 685 11.40 20.71 -20.46
N THR A 686 11.60 21.92 -20.97
CA THR A 686 12.07 22.09 -22.34
C THR A 686 13.48 21.56 -22.51
N LEU A 687 14.35 21.79 -21.53
CA LEU A 687 15.71 21.28 -21.61
C LEU A 687 15.78 19.78 -21.32
N ILE A 688 14.80 19.22 -20.62
CA ILE A 688 14.73 17.77 -20.47
C ILE A 688 14.31 17.12 -21.78
N VAL A 689 13.26 17.65 -22.42
CA VAL A 689 12.78 17.06 -23.66
C VAL A 689 13.79 17.27 -24.78
N SER A 690 14.45 18.43 -24.80
CA SER A 690 15.42 18.74 -25.85
C SER A 690 16.76 18.09 -25.62
N LYS A 691 16.91 17.27 -24.57
CA LYS A 691 18.16 16.56 -24.36
C LYS A 691 18.47 15.71 -25.58
N PRO A 692 19.69 15.80 -26.14
CA PRO A 692 19.95 15.09 -27.40
C PRO A 692 19.82 13.58 -27.30
N GLU A 693 19.86 13.01 -26.10
CA GLU A 693 19.68 11.57 -25.96
C GLU A 693 18.30 11.13 -26.43
N ARG A 694 17.28 11.92 -26.13
CA ARG A 694 15.93 11.59 -26.57
C ARG A 694 15.76 11.69 -28.08
N LYS A 695 16.73 12.27 -28.79
CA LYS A 695 16.67 12.39 -30.25
C LYS A 695 15.45 13.21 -30.66
N MET A 696 15.37 14.43 -30.13
CA MET A 696 14.24 15.32 -30.37
C MET A 696 14.46 16.08 -31.67
N VAL A 697 14.38 15.33 -32.79
CA VAL A 697 14.56 15.94 -34.09
C VAL A 697 13.52 17.05 -34.28
N LYS A 698 13.85 18.00 -35.15
CA LYS A 698 13.09 19.22 -35.37
C LYS A 698 13.34 20.18 -34.21
N GLY A 699 12.80 21.38 -34.30
CA GLY A 699 13.15 22.47 -33.40
C GLY A 699 12.28 22.53 -32.15
N SER A 700 12.92 22.83 -31.03
CA SER A 700 12.24 23.09 -29.76
C SER A 700 12.64 24.46 -29.28
N GLY A 701 11.65 25.34 -29.06
CA GLY A 701 11.93 26.72 -28.74
C GLY A 701 11.61 27.11 -27.31
N PHE A 702 12.62 27.49 -26.56
CA PHE A 702 12.41 27.99 -25.20
C PHE A 702 11.64 29.30 -25.21
N HIS A 703 12.07 30.25 -26.04
CA HIS A 703 11.49 31.59 -26.02
C HIS A 703 10.01 31.54 -26.41
N LEU A 704 9.70 30.92 -27.55
CA LEU A 704 8.31 30.86 -27.99
C LEU A 704 7.45 30.09 -27.00
N ASP A 705 7.96 28.97 -26.49
CA ASP A 705 7.19 28.19 -25.52
C ASP A 705 6.84 29.04 -24.30
N LEU A 706 7.85 29.69 -23.72
CA LEU A 706 7.60 30.50 -22.53
C LEU A 706 6.62 31.63 -22.81
N LEU A 707 6.83 32.35 -23.92
CA LEU A 707 5.95 33.46 -24.24
C LEU A 707 4.52 32.98 -24.41
N LEU A 708 4.32 31.93 -25.20
CA LEU A 708 2.97 31.41 -25.43
C LEU A 708 2.33 31.00 -24.11
N VAL A 709 3.06 30.22 -23.31
CA VAL A 709 2.49 29.69 -22.07
C VAL A 709 2.04 30.84 -21.17
N VAL A 710 2.92 31.82 -20.95
CA VAL A 710 2.59 32.83 -19.95
C VAL A 710 1.60 33.84 -20.48
N GLY A 711 1.63 34.16 -21.78
CA GLY A 711 0.61 35.04 -22.33
C GLY A 711 -0.77 34.40 -22.29
N MET A 712 -0.86 33.12 -22.65
CA MET A 712 -2.13 32.41 -22.50
C MET A 712 -2.55 32.37 -21.04
N GLY A 713 -1.60 32.23 -20.12
CA GLY A 713 -1.93 32.26 -18.71
C GLY A 713 -2.52 33.58 -18.28
N GLY A 714 -1.92 34.69 -18.73
CA GLY A 714 -2.47 35.99 -18.40
C GLY A 714 -3.86 36.21 -18.97
N VAL A 715 -4.05 35.81 -20.23
CA VAL A 715 -5.38 35.93 -20.82
C VAL A 715 -6.39 35.10 -20.05
N ALA A 716 -6.02 33.88 -19.69
CA ALA A 716 -6.90 33.05 -18.86
C ALA A 716 -7.22 33.75 -17.55
N ALA A 717 -6.20 34.28 -16.88
CA ALA A 717 -6.44 35.02 -15.64
C ALA A 717 -7.47 36.11 -15.85
N LEU A 718 -7.42 36.79 -17.01
CA LEU A 718 -8.48 37.72 -17.34
C LEU A 718 -9.83 37.02 -17.39
N PHE A 719 -9.87 35.86 -18.03
CA PHE A 719 -11.11 35.07 -18.11
C PHE A 719 -11.42 34.31 -16.83
N GLY A 720 -10.62 34.48 -15.79
CA GLY A 720 -10.86 33.79 -14.53
C GLY A 720 -10.39 32.37 -14.48
N MET A 721 -9.70 31.88 -15.52
CA MET A 721 -9.22 30.52 -15.61
C MET A 721 -7.73 30.44 -15.29
N PRO A 722 -7.26 29.32 -14.74
CA PRO A 722 -5.87 29.27 -14.25
C PRO A 722 -4.85 29.44 -15.37
N TRP A 723 -3.68 29.95 -14.99
CA TRP A 723 -2.53 29.95 -15.89
C TRP A 723 -1.80 28.63 -15.77
N LEU A 724 -1.39 28.08 -16.91
CA LEU A 724 -0.79 26.77 -16.99
C LEU A 724 0.70 26.88 -17.25
N SER A 725 1.37 25.74 -17.13
CA SER A 725 2.81 25.65 -17.36
C SER A 725 3.14 24.30 -17.97
N ALA A 726 4.12 24.28 -18.88
CA ALA A 726 4.58 23.03 -19.45
C ALA A 726 5.14 22.14 -18.36
N THR A 727 4.45 21.05 -18.06
CA THR A 727 4.79 20.20 -16.92
C THR A 727 5.69 19.05 -17.37
N THR A 728 6.66 18.70 -16.51
CA THR A 728 7.69 17.74 -16.89
C THR A 728 7.09 16.35 -17.10
N VAL A 729 6.32 15.87 -16.13
CA VAL A 729 5.92 14.46 -16.13
C VAL A 729 5.08 14.13 -17.36
N ARG A 730 4.05 14.94 -17.62
CA ARG A 730 3.13 14.62 -18.70
C ARG A 730 3.80 14.79 -20.06
N SER A 731 4.64 15.82 -20.22
CA SER A 731 5.37 15.98 -21.47
C SER A 731 6.30 14.81 -21.71
N VAL A 732 7.00 14.36 -20.67
CA VAL A 732 7.92 13.23 -20.82
C VAL A 732 7.14 11.97 -21.16
N THR A 733 5.98 11.76 -20.52
CA THR A 733 5.17 10.60 -20.83
C THR A 733 4.65 10.65 -22.26
N HIS A 734 4.29 11.84 -22.74
CA HIS A 734 3.87 11.98 -24.13
C HIS A 734 5.01 11.63 -25.08
N ALA A 735 6.22 12.12 -24.79
CA ALA A 735 7.36 11.79 -25.62
C ALA A 735 7.62 10.29 -25.64
N ASN A 736 7.55 9.65 -24.46
CA ASN A 736 7.75 8.22 -24.38
C ASN A 736 6.68 7.47 -25.15
N ALA A 737 5.43 7.92 -25.07
CA ALA A 737 4.35 7.25 -25.79
C ALA A 737 4.53 7.36 -27.29
N LEU A 738 4.95 8.52 -27.77
CA LEU A 738 5.07 8.75 -29.21
C LEU A 738 6.40 8.27 -29.79
N THR A 739 7.31 7.75 -28.97
CA THR A 739 8.57 7.27 -29.48
C THR A 739 8.39 5.90 -30.14
N VAL A 740 9.39 5.49 -30.91
CA VAL A 740 9.42 4.19 -31.57
C VAL A 740 10.72 3.50 -31.16
N MET A 741 10.59 2.35 -30.49
CA MET A 741 11.75 1.61 -30.01
C MET A 741 12.61 2.49 -29.11
N ILE A 753 16.35 3.38 -29.77
CA ILE A 753 15.49 4.51 -30.08
C ILE A 753 15.64 4.91 -31.55
N GLN A 754 14.76 4.37 -32.39
CA GLN A 754 14.82 4.65 -33.82
C GLN A 754 14.51 6.12 -34.10
N GLU A 755 13.40 6.62 -33.58
CA GLU A 755 12.98 8.00 -33.80
C GLU A 755 11.74 8.27 -32.96
N VAL A 756 11.38 9.55 -32.88
CA VAL A 756 10.18 9.99 -32.17
C VAL A 756 9.22 10.59 -33.18
N LYS A 757 7.97 10.13 -33.14
CA LYS A 757 6.93 10.59 -34.06
C LYS A 757 6.37 11.90 -33.51
N GLU A 758 6.77 13.01 -34.10
CA GLU A 758 6.41 14.34 -33.63
C GLU A 758 5.26 14.89 -34.48
N GLN A 759 4.12 15.13 -33.83
CA GLN A 759 2.96 15.72 -34.50
C GLN A 759 2.27 16.68 -33.54
N ARG A 760 1.46 17.56 -34.13
CA ARG A 760 0.57 18.43 -33.37
C ARG A 760 -0.88 17.97 -33.45
N ILE A 761 -1.12 16.77 -33.96
CA ILE A 761 -2.47 16.22 -34.04
C ILE A 761 -2.84 15.49 -32.75
N SER A 762 -1.89 14.76 -32.16
CA SER A 762 -2.19 14.04 -30.93
C SER A 762 -2.48 14.99 -29.78
N GLY A 763 -1.67 16.04 -29.63
CA GLY A 763 -1.90 17.00 -28.56
C GLY A 763 -3.23 17.73 -28.72
N LEU A 764 -3.58 18.08 -29.96
CA LEU A 764 -4.85 18.74 -30.20
C LEU A 764 -6.02 17.85 -29.82
N LEU A 765 -5.94 16.56 -30.19
CA LEU A 765 -7.01 15.64 -29.85
C LEU A 765 -7.10 15.42 -28.35
N VAL A 766 -5.95 15.35 -27.68
CA VAL A 766 -5.97 15.24 -26.23
C VAL A 766 -6.63 16.46 -25.61
N ALA A 767 -6.30 17.65 -26.12
CA ALA A 767 -6.89 18.87 -25.57
C ALA A 767 -8.39 18.92 -25.78
N VAL A 768 -8.86 18.56 -26.97
CA VAL A 768 -10.30 18.59 -27.21
C VAL A 768 -11.01 17.53 -26.37
N LEU A 769 -10.38 16.38 -26.16
CA LEU A 769 -10.98 15.37 -25.29
C LEU A 769 -11.06 15.88 -23.86
N VAL A 770 -10.02 16.55 -23.37
CA VAL A 770 -10.06 17.12 -22.02
C VAL A 770 -11.17 18.17 -21.94
N GLY A 771 -11.36 18.94 -23.01
CA GLY A 771 -12.44 19.91 -23.03
C GLY A 771 -13.80 19.26 -22.97
N LEU A 772 -13.99 18.17 -23.74
CA LEU A 772 -15.25 17.44 -23.70
C LEU A 772 -15.47 16.71 -22.39
N SER A 773 -14.39 16.46 -21.63
CA SER A 773 -14.54 15.75 -20.36
C SER A 773 -15.50 16.49 -19.42
N ILE A 774 -15.54 17.82 -19.50
CA ILE A 774 -16.47 18.57 -18.65
C ILE A 774 -17.91 18.20 -18.99
N LEU A 775 -18.18 17.89 -20.25
CA LEU A 775 -19.53 17.48 -20.65
C LEU A 775 -19.97 16.21 -19.91
N MET A 776 -19.01 15.41 -19.45
CA MET A 776 -19.32 14.15 -18.76
C MET A 776 -19.49 14.39 -17.26
N GLU A 777 -20.43 15.29 -16.94
CA GLU A 777 -20.72 15.58 -15.55
C GLU A 777 -21.23 14.38 -14.77
N PRO A 778 -22.13 13.55 -15.30
CA PRO A 778 -22.64 12.43 -14.49
C PRO A 778 -21.55 11.53 -13.95
N ILE A 779 -20.51 11.25 -14.75
CA ILE A 779 -19.42 10.42 -14.27
C ILE A 779 -18.59 11.16 -13.24
N LEU A 780 -18.28 12.44 -13.50
CA LEU A 780 -17.37 13.17 -12.65
C LEU A 780 -17.96 13.43 -11.27
N SER A 781 -19.27 13.70 -11.20
CA SER A 781 -19.90 13.96 -9.91
C SER A 781 -19.91 12.73 -9.02
N ARG A 782 -19.69 11.54 -9.57
CA ARG A 782 -19.67 10.32 -8.79
C ARG A 782 -18.31 10.05 -8.16
N ILE A 783 -17.27 10.79 -8.54
CA ILE A 783 -15.91 10.52 -8.08
C ILE A 783 -15.75 11.08 -6.67
N PRO A 784 -15.45 10.25 -5.66
CA PRO A 784 -15.18 10.79 -4.33
C PRO A 784 -13.91 11.62 -4.31
N LEU A 785 -13.87 12.57 -3.37
CA LEU A 785 -12.68 13.40 -3.22
C LEU A 785 -11.54 12.64 -2.56
N ALA A 786 -11.85 11.63 -1.73
CA ALA A 786 -10.80 10.84 -1.11
C ALA A 786 -10.02 10.03 -2.14
N VAL A 787 -10.69 9.58 -3.20
CA VAL A 787 -9.99 8.91 -4.30
C VAL A 787 -8.98 9.87 -4.91
N LEU A 788 -9.39 11.11 -5.14
CA LEU A 788 -8.47 12.09 -5.71
C LEU A 788 -7.37 12.44 -4.73
N PHE A 789 -7.62 12.39 -3.42
CA PHE A 789 -6.55 12.57 -2.45
C PHE A 789 -5.54 11.43 -2.54
N GLY A 790 -6.01 10.21 -2.72
CA GLY A 790 -5.10 9.10 -2.94
C GLY A 790 -4.26 9.30 -4.20
N ILE A 791 -4.88 9.79 -5.27
CA ILE A 791 -4.14 10.07 -6.49
C ILE A 791 -3.13 11.19 -6.25
N PHE A 792 -3.49 12.18 -5.45
CA PHE A 792 -2.58 13.26 -5.08
C PHE A 792 -1.35 12.71 -4.37
N LEU A 793 -1.56 11.83 -3.39
CA LEU A 793 -0.44 11.24 -2.66
C LEU A 793 0.42 10.39 -3.58
N TYR A 794 -0.22 9.63 -4.47
CA TYR A 794 0.54 8.84 -5.45
C TYR A 794 1.40 9.74 -6.32
N MET A 795 0.83 10.85 -6.79
CA MET A 795 1.58 11.78 -7.61
C MET A 795 2.81 12.29 -6.88
N GLY A 796 2.63 12.69 -5.62
CA GLY A 796 3.79 13.18 -4.86
C GLY A 796 4.85 12.12 -4.66
N VAL A 797 4.42 10.92 -4.25
CA VAL A 797 5.37 9.86 -3.95
C VAL A 797 6.13 9.45 -5.20
N THR A 798 5.45 9.40 -6.35
CA THR A 798 6.11 9.01 -7.58
C THR A 798 6.99 10.13 -8.13
N SER A 799 6.62 11.39 -7.90
CA SER A 799 7.50 12.48 -8.30
C SER A 799 8.77 12.51 -7.46
N LEU A 800 8.71 11.95 -6.24
CA LEU A 800 9.92 11.88 -5.42
C LEU A 800 11.01 11.01 -6.04
N SER A 801 10.68 10.18 -7.04
CA SER A 801 11.57 9.10 -7.43
C SER A 801 12.89 9.61 -8.00
N GLY A 802 12.83 10.51 -8.99
CA GLY A 802 14.01 10.83 -9.77
C GLY A 802 14.92 11.86 -9.13
N ILE A 803 14.60 12.34 -7.94
CA ILE A 803 15.36 13.40 -7.31
C ILE A 803 16.56 12.80 -6.57
N GLN A 804 17.76 13.30 -6.87
CA GLN A 804 18.95 12.86 -6.16
C GLN A 804 19.02 13.40 -4.74
N LEU A 805 18.34 14.51 -4.45
CA LEU A 805 18.24 14.96 -3.07
C LEU A 805 17.52 13.92 -2.22
N PHE A 806 16.46 13.31 -2.76
CA PHE A 806 15.78 12.24 -2.05
C PHE A 806 16.72 11.05 -1.85
N ASP A 807 17.52 10.71 -2.86
CA ASP A 807 18.44 9.59 -2.72
C ASP A 807 19.47 9.86 -1.63
N ARG A 808 20.00 11.09 -1.57
CA ARG A 808 20.97 11.41 -0.53
C ARG A 808 20.32 11.46 0.85
N ILE A 809 19.07 11.91 0.92
CA ILE A 809 18.33 11.86 2.19
C ILE A 809 18.16 10.42 2.64
N LEU A 810 17.86 9.53 1.71
CA LEU A 810 17.76 8.11 2.05
C LEU A 810 19.11 7.58 2.50
N LEU A 811 20.19 7.99 1.84
CA LEU A 811 21.53 7.57 2.25
C LEU A 811 21.91 8.09 3.62
N LEU A 812 21.28 9.17 4.08
CA LEU A 812 21.53 9.62 5.45
C LEU A 812 21.24 8.52 6.46
N PHE A 813 20.33 7.61 6.12
CA PHE A 813 19.94 6.52 7.02
C PHE A 813 20.70 5.23 6.74
N LYS A 814 20.97 4.93 5.48
CA LYS A 814 21.72 3.73 5.15
C LYS A 814 23.15 3.85 5.66
N PRO A 815 23.73 2.78 6.20
CA PRO A 815 25.13 2.83 6.62
C PRO A 815 26.04 3.06 5.43
N PRO A 816 27.24 3.61 5.64
CA PRO A 816 28.12 3.88 4.50
C PRO A 816 28.43 2.64 3.67
N LYS A 817 28.41 1.46 4.28
CA LYS A 817 28.76 0.25 3.54
C LYS A 817 27.76 -0.04 2.43
N TYR A 818 26.53 0.45 2.55
CA TYR A 818 25.48 0.19 1.56
C TYR A 818 25.33 1.32 0.55
N HIS A 819 26.18 2.34 0.61
CA HIS A 819 26.01 3.48 -0.29
C HIS A 819 26.24 3.04 -1.73
N PRO A 820 25.36 3.40 -2.66
CA PRO A 820 25.53 2.93 -4.05
C PRO A 820 26.84 3.41 -4.64
N ASP A 821 27.16 2.85 -5.82
CA ASP A 821 28.36 3.24 -6.56
C ASP A 821 27.95 4.32 -7.55
N VAL A 822 27.95 5.55 -7.05
CA VAL A 822 27.62 6.73 -7.86
C VAL A 822 28.74 7.74 -7.68
N PRO A 823 28.87 8.69 -8.60
CA PRO A 823 30.03 9.60 -8.54
C PRO A 823 30.16 10.33 -7.21
N TYR A 824 29.06 10.81 -6.62
CA TYR A 824 29.21 11.61 -5.40
C TYR A 824 29.45 10.73 -4.18
N VAL A 825 29.06 9.46 -4.21
CA VAL A 825 29.40 8.55 -3.12
C VAL A 825 30.87 8.22 -3.15
N LYS A 826 31.41 7.93 -4.34
CA LYS A 826 32.78 7.47 -4.46
C LYS A 826 33.79 8.62 -4.32
N ARG A 827 33.51 9.76 -4.93
CA ARG A 827 34.47 10.85 -5.02
C ARG A 827 34.28 11.90 -3.93
N VAL A 828 33.39 11.69 -2.98
CA VAL A 828 33.14 12.62 -1.89
C VAL A 828 33.16 11.84 -0.58
N LYS A 829 33.79 12.42 0.44
CA LYS A 829 33.74 11.82 1.77
C LYS A 829 32.30 11.82 2.27
N THR A 830 31.95 10.79 3.03
CA THR A 830 30.55 10.60 3.41
C THR A 830 30.03 11.78 4.20
N TRP A 831 30.80 12.29 5.15
CA TRP A 831 30.30 13.38 5.99
C TRP A 831 30.16 14.67 5.21
N ARG A 832 30.96 14.87 4.15
CA ARG A 832 30.77 16.05 3.31
C ARG A 832 29.52 15.92 2.45
N MET A 833 29.23 14.71 1.96
CA MET A 833 27.96 14.48 1.29
C MET A 833 26.79 14.77 2.23
N HIS A 834 26.90 14.31 3.48
CA HIS A 834 25.86 14.57 4.46
C HIS A 834 25.73 16.04 4.78
N LEU A 835 26.84 16.78 4.79
CA LEU A 835 26.78 18.23 4.99
C LEU A 835 26.07 18.91 3.83
N PHE A 836 26.36 18.49 2.60
CA PHE A 836 25.66 19.02 1.44
C PHE A 836 24.16 18.79 1.57
N THR A 837 23.78 17.56 1.89
CA THR A 837 22.36 17.24 2.04
C THR A 837 21.75 18.01 3.21
N GLY A 838 22.52 18.24 4.27
CA GLY A 838 22.02 18.99 5.40
C GLY A 838 21.76 20.44 5.06
N ILE A 839 22.64 21.05 4.26
CA ILE A 839 22.40 22.42 3.81
C ILE A 839 21.17 22.46 2.92
N GLN A 840 21.00 21.46 2.06
CA GLN A 840 19.79 21.40 1.23
C GLN A 840 18.55 21.27 2.10
N ILE A 841 18.64 20.48 3.18
CA ILE A 841 17.51 20.31 4.09
C ILE A 841 17.23 21.61 4.84
N ILE A 842 18.27 22.36 5.18
CA ILE A 842 18.07 23.65 5.82
C ILE A 842 17.34 24.59 4.88
N CYS A 843 17.73 24.59 3.60
CA CYS A 843 17.01 25.40 2.61
C CYS A 843 15.56 24.96 2.51
N LEU A 844 15.31 23.66 2.52
CA LEU A 844 13.93 23.17 2.47
C LEU A 844 13.14 23.62 3.70
N ALA A 845 13.76 23.58 4.88
CA ALA A 845 13.07 24.01 6.09
C ALA A 845 12.76 25.50 6.05
N VAL A 846 13.70 26.31 5.54
CA VAL A 846 13.43 27.73 5.41
C VAL A 846 12.28 27.97 4.44
N LEU A 847 12.26 27.24 3.33
CA LEU A 847 11.18 27.39 2.37
C LEU A 847 9.84 27.00 2.98
N TRP A 848 9.81 25.92 3.77
CA TRP A 848 8.57 25.52 4.41
C TRP A 848 8.10 26.56 5.42
N VAL A 849 9.03 27.11 6.21
CA VAL A 849 8.68 28.15 7.16
C VAL A 849 8.10 29.36 6.43
N VAL A 850 8.70 29.72 5.29
CA VAL A 850 8.18 30.84 4.51
C VAL A 850 6.81 30.48 3.95
N LYS A 851 6.57 29.21 3.64
CA LYS A 851 5.25 28.79 3.18
C LYS A 851 4.21 28.97 4.29
N SER A 852 4.58 28.67 5.53
CA SER A 852 3.63 28.73 6.63
C SER A 852 3.42 30.14 7.18
N THR A 853 4.40 31.02 7.03
CA THR A 853 4.28 32.38 7.54
C THR A 853 3.34 33.20 6.66
N PRO A 854 2.78 34.30 7.19
CA PRO A 854 1.91 35.14 6.35
C PRO A 854 2.58 35.66 5.10
N ALA A 855 3.92 35.66 5.04
CA ALA A 855 4.64 36.04 3.82
C ALA A 855 4.83 34.82 2.92
N SER A 856 3.70 34.15 2.64
CA SER A 856 3.75 32.93 1.83
C SER A 856 4.13 33.22 0.39
N LEU A 857 3.68 34.37 -0.14
CA LEU A 857 3.91 34.66 -1.55
C LEU A 857 5.38 34.79 -1.90
N ALA A 858 6.24 35.01 -0.91
CA ALA A 858 7.66 35.19 -1.18
C ALA A 858 8.38 33.87 -1.46
N LEU A 859 7.68 32.73 -1.39
CA LEU A 859 8.32 31.44 -1.53
C LEU A 859 9.13 31.29 -2.81
N PRO A 860 8.63 31.68 -3.99
CA PRO A 860 9.46 31.58 -5.20
C PRO A 860 10.73 32.41 -5.11
N PHE A 861 10.68 33.58 -4.47
CA PHE A 861 11.87 34.41 -4.34
C PHE A 861 12.91 33.74 -3.46
N VAL A 862 12.46 33.15 -2.35
CA VAL A 862 13.39 32.42 -1.47
C VAL A 862 13.95 31.20 -2.20
N LEU A 863 13.13 30.57 -3.04
CA LEU A 863 13.62 29.46 -3.85
C LEU A 863 14.72 29.92 -4.80
N ILE A 864 14.51 31.06 -5.47
CA ILE A 864 15.51 31.59 -6.37
C ILE A 864 16.77 32.01 -5.61
N LEU A 865 16.63 32.33 -4.32
CA LEU A 865 17.81 32.64 -3.52
C LEU A 865 18.79 31.48 -3.42
N THR A 866 18.37 30.26 -3.72
CA THR A 866 19.29 29.13 -3.69
C THR A 866 20.33 29.21 -4.80
N VAL A 867 20.04 29.90 -5.90
CA VAL A 867 20.99 30.04 -7.00
C VAL A 867 22.22 30.81 -6.50
N PRO A 868 22.06 31.99 -5.90
CA PRO A 868 23.23 32.64 -5.27
C PRO A 868 23.93 31.76 -4.25
N LEU A 869 23.17 30.98 -3.47
CA LEU A 869 23.79 30.13 -2.47
C LEU A 869 24.73 29.13 -3.11
N ARG A 870 24.29 28.49 -4.20
CA ARG A 870 25.13 27.52 -4.88
C ARG A 870 26.31 28.19 -5.58
N ARG A 871 26.08 29.35 -6.18
CA ARG A 871 27.11 29.99 -7.01
C ARG A 871 28.10 30.83 -6.21
N VAL A 872 27.85 31.07 -4.92
CA VAL A 872 28.68 31.96 -4.11
C VAL A 872 29.17 31.27 -2.84
N LEU A 873 28.26 30.77 -2.02
CA LEU A 873 28.62 30.28 -0.69
C LEU A 873 29.12 28.84 -0.71
N LEU A 874 28.44 27.96 -1.42
CA LEU A 874 28.88 26.57 -1.47
C LEU A 874 30.32 26.45 -1.95
N PRO A 875 30.79 27.22 -2.93
CA PRO A 875 32.23 27.17 -3.24
C PRO A 875 33.13 27.45 -2.05
N LEU A 876 32.74 28.37 -1.17
CA LEU A 876 33.50 28.57 0.06
C LEU A 876 33.41 27.34 0.96
N ILE A 877 32.24 26.70 1.00
CA ILE A 877 32.07 25.58 1.92
C ILE A 877 32.69 24.30 1.36
N PHE A 878 32.81 24.17 0.04
CA PHE A 878 33.17 22.91 -0.61
C PHE A 878 34.19 23.16 -1.69
N ARG A 879 34.90 22.10 -2.07
CA ARG A 879 35.87 22.17 -3.15
C ARG A 879 35.20 21.86 -4.48
N ASN A 880 35.88 22.22 -5.57
CA ASN A 880 35.25 22.18 -6.89
C ASN A 880 34.85 20.77 -7.29
N VAL A 881 35.64 19.77 -6.92
CA VAL A 881 35.32 18.40 -7.32
C VAL A 881 34.07 17.92 -6.60
N GLU A 882 33.93 18.25 -5.31
CA GLU A 882 32.74 17.86 -4.57
C GLU A 882 31.50 18.48 -5.19
N LEU A 883 31.57 19.76 -5.57
CA LEU A 883 30.41 20.41 -6.19
C LEU A 883 30.16 19.87 -7.59
N GLN A 884 31.20 19.45 -8.29
CA GLN A 884 31.01 18.81 -9.59
C GLN A 884 30.26 17.50 -9.46
N CYS A 885 30.61 16.70 -8.46
CA CYS A 885 29.97 15.40 -8.28
C CYS A 885 28.58 15.53 -7.69
N LEU A 886 28.39 16.44 -6.73
CA LEU A 886 27.14 16.57 -6.01
C LEU A 886 26.10 17.39 -6.75
N ASP A 887 26.49 18.13 -7.78
CA ASP A 887 25.57 18.96 -8.55
C ASP A 887 25.71 18.73 -10.05
N ALA A 888 26.17 17.54 -10.45
CA ALA A 888 26.38 17.27 -11.86
C ALA A 888 25.06 17.28 -12.63
N ASP A 889 25.05 17.95 -13.77
CA ASP A 889 23.90 17.94 -14.66
C ASP A 889 24.06 16.83 -15.68
N ASP A 890 22.95 16.12 -15.94
CA ASP A 890 22.88 14.95 -16.81
C ASP A 890 23.46 13.71 -16.13
N ALA A 891 23.99 13.85 -14.92
CA ALA A 891 24.55 12.72 -14.18
C ALA A 891 25.48 11.88 -15.07
N ALA B 400 22.59 -18.34 36.70
CA ALA B 400 21.82 -19.41 36.07
C ALA B 400 21.53 -19.08 34.61
N PHE B 401 20.90 -17.93 34.38
CA PHE B 401 20.53 -17.49 33.05
C PHE B 401 21.45 -16.35 32.64
N SER B 402 22.17 -16.53 31.53
CA SER B 402 23.04 -15.49 31.01
C SER B 402 22.22 -14.43 30.29
N PRO B 403 22.75 -13.22 30.15
CA PRO B 403 21.99 -12.17 29.45
C PRO B 403 21.62 -12.57 28.02
N GLN B 404 22.50 -13.29 27.32
CA GLN B 404 22.15 -13.78 25.99
C GLN B 404 20.99 -14.76 26.04
N VAL B 405 20.93 -15.58 27.10
CA VAL B 405 19.82 -16.51 27.23
C VAL B 405 18.51 -15.74 27.37
N LEU B 406 18.51 -14.68 28.18
CA LEU B 406 17.30 -13.85 28.30
C LEU B 406 16.97 -13.19 26.98
N ALA B 407 17.98 -12.70 26.25
CA ALA B 407 17.73 -12.05 24.97
C ALA B 407 17.05 -13.00 24.00
N ALA B 408 17.53 -14.25 23.94
CA ALA B 408 16.90 -15.23 23.07
C ALA B 408 15.52 -15.65 23.59
N VAL B 409 15.36 -15.69 24.92
CA VAL B 409 14.10 -16.09 25.50
C VAL B 409 13.01 -15.09 25.16
N ILE B 410 13.34 -13.81 25.13
CA ILE B 410 12.32 -12.81 24.79
C ILE B 410 11.82 -13.05 23.37
N PHE B 411 12.74 -13.27 22.43
CA PHE B 411 12.34 -13.50 21.05
C PHE B 411 11.49 -14.75 20.93
N ILE B 412 11.92 -15.84 21.58
CA ILE B 412 11.18 -17.09 21.47
C ILE B 412 9.80 -16.94 22.12
N TYR B 413 9.74 -16.24 23.25
CA TYR B 413 8.47 -16.06 23.95
C TYR B 413 7.48 -15.26 23.10
N PHE B 414 7.95 -14.19 22.46
CA PHE B 414 7.05 -13.43 21.62
C PHE B 414 6.64 -14.20 20.38
N ALA B 415 7.57 -14.98 19.81
CA ALA B 415 7.24 -15.80 18.65
C ALA B 415 6.20 -16.85 19.00
N ALA B 416 6.23 -17.36 20.24
CA ALA B 416 5.20 -18.30 20.68
C ALA B 416 3.91 -17.59 21.03
N LEU B 417 3.98 -16.38 21.57
CA LEU B 417 2.80 -15.69 22.07
C LEU B 417 1.94 -15.15 20.94
N SER B 418 2.55 -14.60 19.89
CA SER B 418 1.74 -14.03 18.80
C SER B 418 0.83 -15.08 18.17
N PRO B 419 1.34 -16.20 17.66
CA PRO B 419 0.42 -17.22 17.12
C PRO B 419 -0.52 -17.78 18.17
N ALA B 420 -0.07 -17.91 19.41
CA ALA B 420 -0.94 -18.43 20.46
C ALA B 420 -2.16 -17.53 20.63
N ILE B 421 -1.94 -16.21 20.67
CA ILE B 421 -3.04 -15.28 20.87
C ILE B 421 -3.95 -15.26 19.65
N THR B 422 -3.37 -15.24 18.44
CA THR B 422 -4.20 -15.22 17.24
C THR B 422 -5.08 -16.47 17.17
N PHE B 423 -4.47 -17.64 17.30
CA PHE B 423 -5.23 -18.89 17.22
C PHE B 423 -6.22 -19.01 18.37
N GLY B 424 -5.85 -18.57 19.57
CA GLY B 424 -6.77 -18.63 20.67
C GLY B 424 -7.99 -17.75 20.45
N GLY B 425 -7.79 -16.53 19.95
CA GLY B 425 -8.93 -15.69 19.63
C GLY B 425 -9.82 -16.30 18.57
N LEU B 426 -9.22 -16.83 17.51
CA LEU B 426 -10.02 -17.44 16.45
C LEU B 426 -10.81 -18.63 16.98
N LEU B 427 -10.16 -19.49 17.77
CA LEU B 427 -10.82 -20.67 18.30
C LEU B 427 -11.90 -20.31 19.30
N GLY B 428 -11.67 -19.30 20.14
CA GLY B 428 -12.71 -18.85 21.04
C GLY B 428 -13.91 -18.31 20.29
N GLU B 429 -13.67 -17.55 19.22
CA GLU B 429 -14.78 -17.05 18.42
C GLU B 429 -15.57 -18.19 17.79
N LYS B 430 -14.87 -19.17 17.22
CA LYS B 430 -15.56 -20.27 16.55
C LYS B 430 -16.32 -21.14 17.55
N THR B 431 -15.66 -21.59 18.61
CA THR B 431 -16.19 -22.62 19.49
C THR B 431 -17.07 -22.06 20.60
N ARG B 432 -17.53 -20.82 20.49
CA ARG B 432 -18.33 -20.20 21.56
C ARG B 432 -17.56 -20.22 22.88
N ASN B 433 -16.23 -20.10 22.79
CA ASN B 433 -15.34 -20.02 23.93
C ASN B 433 -15.30 -21.29 24.76
N GLN B 434 -15.73 -22.43 24.19
CA GLN B 434 -15.45 -23.70 24.86
C GLN B 434 -13.96 -23.96 24.93
N MET B 435 -13.22 -23.54 23.90
CA MET B 435 -11.77 -23.46 23.94
C MET B 435 -11.37 -22.11 23.39
N GLY B 436 -10.50 -21.40 24.12
CA GLY B 436 -10.16 -20.04 23.75
C GLY B 436 -8.73 -19.66 24.05
N VAL B 437 -8.50 -18.38 24.35
CA VAL B 437 -7.15 -17.90 24.57
C VAL B 437 -6.58 -18.46 25.86
N SER B 438 -7.39 -18.53 26.92
CA SER B 438 -6.90 -19.03 28.19
C SER B 438 -6.51 -20.50 28.10
N GLU B 439 -7.40 -21.32 27.54
CA GLU B 439 -7.11 -22.74 27.41
C GLU B 439 -5.89 -22.97 26.55
N LEU B 440 -5.80 -22.27 25.42
CA LEU B 440 -4.65 -22.44 24.54
C LEU B 440 -3.36 -22.00 25.22
N LEU B 441 -3.38 -20.89 25.95
CA LEU B 441 -2.19 -20.42 26.64
C LEU B 441 -1.74 -21.43 27.69
N ILE B 442 -2.68 -21.93 28.49
CA ILE B 442 -2.31 -22.88 29.54
C ILE B 442 -1.81 -24.19 28.95
N SER B 443 -2.47 -24.65 27.88
CA SER B 443 -2.01 -25.87 27.22
C SER B 443 -0.61 -25.70 26.68
N THR B 444 -0.35 -24.59 25.99
CA THR B 444 0.98 -24.33 25.45
C THR B 444 2.01 -24.29 26.57
N ALA B 445 1.70 -23.62 27.67
CA ALA B 445 2.67 -23.52 28.76
C ALA B 445 2.98 -24.88 29.35
N VAL B 446 1.94 -25.64 29.71
CA VAL B 446 2.15 -26.93 30.38
C VAL B 446 2.86 -27.90 29.44
N GLN B 447 2.40 -27.99 28.20
CA GLN B 447 3.03 -28.92 27.26
C GLN B 447 4.44 -28.50 26.93
N GLY B 448 4.72 -27.19 26.88
CA GLY B 448 6.09 -26.76 26.67
C GLY B 448 6.99 -27.12 27.82
N ILE B 449 6.49 -26.98 29.05
CA ILE B 449 7.28 -27.40 30.22
C ILE B 449 7.59 -28.88 30.12
N LEU B 450 6.57 -29.69 29.83
CA LEU B 450 6.76 -31.13 29.77
C LEU B 450 7.70 -31.53 28.65
N PHE B 451 7.58 -30.88 27.48
CA PHE B 451 8.45 -31.22 26.36
C PHE B 451 9.88 -30.76 26.59
N ALA B 452 10.06 -29.64 27.30
CA ALA B 452 11.40 -29.23 27.67
C ALA B 452 12.04 -30.23 28.63
N LEU B 453 11.27 -30.71 29.60
CA LEU B 453 11.86 -31.60 30.60
C LEU B 453 12.09 -33.01 30.05
N LEU B 454 11.16 -33.54 29.26
CA LEU B 454 11.23 -34.93 28.80
C LEU B 454 11.54 -35.09 27.32
N GLY B 455 11.17 -34.11 26.48
CA GLY B 455 11.36 -34.28 25.05
C GLY B 455 12.82 -34.50 24.69
N ALA B 456 13.03 -35.34 23.67
CA ALA B 456 14.38 -35.68 23.25
C ALA B 456 15.04 -34.54 22.48
N GLN B 457 14.28 -33.84 21.65
CA GLN B 457 14.80 -32.71 20.89
C GLN B 457 14.28 -31.41 21.52
N PRO B 458 15.09 -30.71 22.33
CA PRO B 458 14.57 -29.52 23.01
C PRO B 458 14.47 -28.29 22.11
N LEU B 459 15.23 -28.24 21.02
CA LEU B 459 15.14 -27.11 20.10
C LEU B 459 13.81 -27.07 19.36
N LEU B 460 13.01 -28.13 19.43
CA LEU B 460 11.68 -28.12 18.83
C LEU B 460 10.71 -27.40 19.75
N VAL B 461 9.89 -26.53 19.18
CA VAL B 461 8.91 -25.77 19.94
C VAL B 461 7.53 -26.35 19.64
N VAL B 462 6.77 -26.63 20.70
CA VAL B 462 5.46 -27.27 20.57
C VAL B 462 4.39 -26.21 20.86
N GLY B 463 3.51 -26.00 19.88
CA GLY B 463 2.44 -25.04 20.03
C GLY B 463 1.36 -25.33 19.01
N PHE B 464 0.30 -24.53 19.08
CA PHE B 464 -0.81 -24.68 18.14
C PHE B 464 -0.36 -24.36 16.72
N SER B 465 -1.26 -24.60 15.77
CA SER B 465 -0.91 -24.43 14.37
C SER B 465 -2.18 -24.27 13.56
N GLY B 466 -2.00 -24.00 12.27
CA GLY B 466 -3.11 -23.82 11.35
C GLY B 466 -3.89 -25.10 11.13
N PRO B 467 -3.21 -26.20 10.83
CA PRO B 467 -3.94 -27.47 10.63
C PRO B 467 -4.74 -27.89 11.86
N LEU B 468 -4.19 -27.69 13.06
CA LEU B 468 -4.94 -28.00 14.26
C LEU B 468 -6.18 -27.15 14.37
N LEU B 469 -6.08 -25.86 14.03
CA LEU B 469 -7.25 -24.99 14.05
C LEU B 469 -8.30 -25.46 13.05
N VAL B 470 -7.85 -25.85 11.86
CA VAL B 470 -8.80 -26.33 10.85
C VAL B 470 -9.53 -27.56 11.35
N PHE B 471 -8.78 -28.51 11.94
CA PHE B 471 -9.44 -29.70 12.45
C PHE B 471 -10.39 -29.37 13.59
N GLU B 472 -10.00 -28.45 14.47
CA GLU B 472 -10.87 -28.10 15.58
C GLU B 472 -12.17 -27.48 15.08
N GLU B 473 -12.09 -26.58 14.10
CA GLU B 473 -13.30 -26.01 13.54
C GLU B 473 -14.15 -27.09 12.87
N ALA B 474 -13.52 -28.00 12.13
CA ALA B 474 -14.28 -29.05 11.46
C ALA B 474 -14.99 -29.94 12.47
N PHE B 475 -14.30 -30.31 13.55
CA PHE B 475 -14.92 -31.16 14.55
C PHE B 475 -16.01 -30.43 15.31
N PHE B 476 -15.83 -29.14 15.58
CA PHE B 476 -16.89 -28.38 16.21
C PHE B 476 -18.12 -28.33 15.33
N SER B 477 -17.94 -28.11 14.03
CA SER B 477 -19.08 -28.10 13.11
C SER B 477 -19.74 -29.47 13.08
N PHE B 478 -18.95 -30.54 13.07
CA PHE B 478 -19.51 -31.89 13.09
C PHE B 478 -20.36 -32.10 14.34
N CYS B 479 -19.82 -31.74 15.51
CA CYS B 479 -20.56 -31.91 16.74
C CYS B 479 -21.84 -31.08 16.74
N GLU B 480 -21.76 -29.84 16.25
CA GLU B 480 -22.95 -29.01 16.18
C GLU B 480 -24.02 -29.64 15.30
N THR B 481 -23.61 -30.17 14.15
CA THR B 481 -24.57 -30.79 13.25
C THR B 481 -25.21 -32.03 13.87
N ASN B 482 -24.39 -32.86 14.53
CA ASN B 482 -24.87 -34.12 15.10
C ASN B 482 -25.31 -33.98 16.56
N GLY B 483 -25.33 -32.77 17.10
CA GLY B 483 -25.84 -32.58 18.45
C GLY B 483 -25.04 -33.28 19.54
N LEU B 484 -23.72 -33.19 19.48
CA LEU B 484 -22.84 -33.78 20.47
C LEU B 484 -22.09 -32.69 21.22
N GLU B 485 -21.68 -33.01 22.44
CA GLU B 485 -20.87 -32.09 23.24
C GLU B 485 -19.45 -32.06 22.67
N TYR B 486 -19.05 -30.89 22.16
CA TYR B 486 -17.76 -30.78 21.48
C TYR B 486 -16.61 -31.14 22.41
N ILE B 487 -16.65 -30.65 23.65
CA ILE B 487 -15.54 -30.87 24.57
C ILE B 487 -15.45 -32.33 24.98
N VAL B 488 -16.59 -33.00 25.15
CA VAL B 488 -16.57 -34.41 25.51
C VAL B 488 -16.06 -35.26 24.36
N GLY B 489 -16.48 -34.93 23.13
CA GLY B 489 -15.93 -35.59 21.97
C GLY B 489 -14.43 -35.42 21.90
N ARG B 490 -13.93 -34.23 22.25
CA ARG B 490 -12.49 -34.03 22.32
C ARG B 490 -11.87 -34.95 23.36
N VAL B 491 -12.53 -35.11 24.51
CA VAL B 491 -12.00 -36.01 25.55
C VAL B 491 -11.83 -37.41 24.99
N TRP B 492 -12.84 -37.90 24.28
CA TRP B 492 -12.78 -39.26 23.76
C TRP B 492 -11.74 -39.38 22.65
N ILE B 493 -11.61 -38.35 21.82
CA ILE B 493 -10.54 -38.34 20.82
C ILE B 493 -9.18 -38.42 21.50
N GLY B 494 -9.03 -37.74 22.65
CA GLY B 494 -7.78 -37.83 23.38
C GLY B 494 -7.52 -39.21 23.93
N PHE B 495 -8.55 -39.86 24.47
CA PHE B 495 -8.42 -41.24 24.91
C PHE B 495 -7.89 -42.11 23.77
N TRP B 496 -8.52 -41.99 22.59
CA TRP B 496 -8.11 -42.80 21.46
C TRP B 496 -6.71 -42.43 20.99
N LEU B 497 -6.31 -41.16 21.13
CA LEU B 497 -4.95 -40.78 20.76
C LEU B 497 -3.93 -41.43 21.68
N ILE B 498 -4.23 -41.51 22.97
CA ILE B 498 -3.33 -42.20 23.89
C ILE B 498 -3.24 -43.68 23.51
N LEU B 499 -4.37 -44.31 23.21
CA LEU B 499 -4.35 -45.70 22.80
C LEU B 499 -3.54 -45.89 21.53
N LEU B 500 -3.69 -44.99 20.57
CA LEU B 500 -2.89 -45.05 19.35
C LEU B 500 -1.41 -44.92 19.67
N VAL B 501 -1.06 -44.03 20.60
CA VAL B 501 0.34 -43.86 20.97
C VAL B 501 0.92 -45.16 21.50
N VAL B 502 0.20 -45.81 22.42
CA VAL B 502 0.74 -47.04 23.00
C VAL B 502 0.82 -48.14 21.93
N LEU B 503 -0.20 -48.24 21.08
CA LEU B 503 -0.16 -49.24 20.01
C LEU B 503 1.04 -49.02 19.10
N VAL B 504 1.24 -47.79 18.65
CA VAL B 504 2.35 -47.50 17.75
C VAL B 504 3.68 -47.72 18.45
N VAL B 505 3.75 -47.43 19.75
CA VAL B 505 4.98 -47.71 20.50
C VAL B 505 5.28 -49.20 20.49
N ALA B 506 4.24 -50.03 20.63
CA ALA B 506 4.46 -51.47 20.55
C ALA B 506 5.09 -51.86 19.22
N PHE B 507 4.55 -51.34 18.12
CA PHE B 507 5.08 -51.65 16.81
C PHE B 507 6.31 -50.81 16.50
N GLU B 508 7.07 -51.23 15.49
CA GLU B 508 8.31 -50.56 15.16
C GLU B 508 8.06 -49.17 14.56
N GLY B 509 7.17 -49.09 13.57
CA GLY B 509 6.94 -47.82 12.91
C GLY B 509 8.10 -47.41 12.03
N SER B 510 8.07 -46.14 11.61
CA SER B 510 9.10 -45.50 10.80
C SER B 510 9.00 -45.86 9.32
N PHE B 511 7.96 -46.60 8.90
CA PHE B 511 7.84 -46.98 7.50
C PHE B 511 7.13 -45.90 6.68
N LEU B 512 6.30 -45.08 7.33
CA LEU B 512 5.53 -44.06 6.61
C LEU B 512 6.34 -42.81 6.29
N VAL B 513 7.41 -42.55 7.03
CA VAL B 513 8.14 -41.30 6.86
C VAL B 513 8.76 -41.21 5.47
N ARG B 514 9.32 -42.32 4.98
CA ARG B 514 10.00 -42.30 3.70
C ARG B 514 9.06 -41.98 2.54
N PHE B 515 7.75 -42.09 2.75
CA PHE B 515 6.78 -41.88 1.68
C PHE B 515 6.42 -40.40 1.49
N ILE B 516 6.31 -39.64 2.58
CA ILE B 516 5.88 -38.25 2.47
C ILE B 516 6.99 -37.45 1.81
N SER B 517 6.70 -36.88 0.65
CA SER B 517 7.66 -36.15 -0.17
C SER B 517 7.30 -34.67 -0.19
N ARG B 518 8.10 -33.89 -0.92
CA ARG B 518 7.81 -32.47 -1.07
C ARG B 518 6.42 -32.25 -1.65
N TYR B 519 5.91 -33.21 -2.42
CA TYR B 519 4.59 -33.05 -3.04
C TYR B 519 3.53 -32.80 -1.98
N THR B 520 3.42 -33.72 -1.02
CA THR B 520 2.39 -33.61 0.00
C THR B 520 2.64 -32.45 0.94
N GLN B 521 3.91 -32.22 1.30
CA GLN B 521 4.23 -31.10 2.19
C GLN B 521 3.82 -29.78 1.56
N GLU B 522 4.12 -29.59 0.28
CA GLU B 522 3.77 -28.34 -0.37
C GLU B 522 2.27 -28.20 -0.55
N ILE B 523 1.58 -29.27 -0.92
CA ILE B 523 0.12 -29.17 -1.01
C ILE B 523 -0.47 -28.78 0.34
N PHE B 524 0.03 -29.39 1.41
CA PHE B 524 -0.45 -29.08 2.75
C PHE B 524 -0.20 -27.61 3.11
N SER B 525 1.02 -27.13 2.91
CA SER B 525 1.35 -25.76 3.28
C SER B 525 0.52 -24.77 2.48
N PHE B 526 0.39 -25.01 1.17
CA PHE B 526 -0.38 -24.09 0.34
C PHE B 526 -1.84 -24.08 0.74
N LEU B 527 -2.40 -25.25 1.07
CA LEU B 527 -3.79 -25.29 1.53
C LEU B 527 -3.96 -24.52 2.82
N ILE B 528 -3.01 -24.65 3.75
CA ILE B 528 -3.12 -23.92 5.01
C ILE B 528 -3.06 -22.41 4.76
N SER B 529 -2.16 -21.98 3.88
CA SER B 529 -2.08 -20.55 3.57
C SER B 529 -3.37 -20.04 2.96
N LEU B 530 -3.92 -20.81 2.01
CA LEU B 530 -5.19 -20.41 1.40
C LEU B 530 -6.29 -20.33 2.45
N ILE B 531 -6.33 -21.29 3.37
CA ILE B 531 -7.35 -21.28 4.41
C ILE B 531 -7.20 -20.04 5.29
N PHE B 532 -5.97 -19.69 5.65
CA PHE B 532 -5.75 -18.49 6.46
C PHE B 532 -6.27 -17.25 5.76
N ILE B 533 -5.90 -17.07 4.49
CA ILE B 533 -6.33 -15.86 3.77
C ILE B 533 -7.85 -15.84 3.65
N TYR B 534 -8.43 -16.97 3.26
CA TYR B 534 -9.87 -17.03 3.08
C TYR B 534 -10.61 -16.76 4.38
N GLU B 535 -10.12 -17.31 5.50
CA GLU B 535 -10.78 -17.10 6.77
C GLU B 535 -10.70 -15.65 7.20
N THR B 536 -9.55 -15.01 7.01
CA THR B 536 -9.46 -13.60 7.33
C THR B 536 -10.50 -12.79 6.55
N PHE B 537 -10.54 -12.98 5.24
CA PHE B 537 -11.46 -12.20 4.42
C PHE B 537 -12.92 -12.52 4.79
N SER B 538 -13.22 -13.79 5.03
CA SER B 538 -14.59 -14.17 5.37
C SER B 538 -15.01 -13.59 6.71
N LYS B 539 -14.10 -13.52 7.68
CA LYS B 539 -14.44 -12.90 8.95
C LYS B 539 -14.66 -11.40 8.80
N LEU B 540 -13.89 -10.75 7.92
CA LEU B 540 -14.17 -9.36 7.60
C LEU B 540 -15.57 -9.21 7.01
N ILE B 541 -15.93 -10.09 6.08
CA ILE B 541 -17.26 -10.03 5.49
C ILE B 541 -18.32 -10.22 6.57
N LYS B 542 -18.08 -11.16 7.49
CA LYS B 542 -19.04 -11.39 8.57
C LYS B 542 -19.20 -10.15 9.44
N ILE B 543 -18.10 -9.47 9.76
CA ILE B 543 -18.20 -8.23 10.53
C ILE B 543 -19.02 -7.21 9.77
N PHE B 544 -18.79 -7.07 8.47
CA PHE B 544 -19.56 -6.10 7.69
C PHE B 544 -21.04 -6.48 7.62
N GLN B 545 -21.36 -7.76 7.70
CA GLN B 545 -22.76 -8.17 7.76
C GLN B 545 -23.37 -7.85 9.12
N ASP B 546 -22.58 -8.01 10.18
CA ASP B 546 -23.08 -7.70 11.52
C ASP B 546 -23.34 -6.21 11.70
N HIS B 547 -22.46 -5.37 11.18
CA HIS B 547 -22.53 -3.92 11.36
C HIS B 547 -22.46 -3.25 9.99
N PRO B 548 -23.53 -3.36 9.20
CA PRO B 548 -23.51 -2.78 7.86
C PRO B 548 -23.43 -1.27 7.88
N LEU B 549 -22.94 -0.71 6.79
CA LEU B 549 -22.93 0.74 6.60
C LEU B 549 -24.32 1.20 6.17
N GLN B 550 -24.97 2.00 7.00
CA GLN B 550 -26.32 2.45 6.74
C GLN B 550 -26.44 3.91 7.14
N LYS B 551 -27.49 4.57 6.64
CA LYS B 551 -27.68 5.98 6.89
C LYS B 551 -27.92 6.26 8.38
N THR B 552 -28.73 5.44 9.03
CA THR B 552 -29.15 5.68 10.40
C THR B 552 -28.93 4.42 11.24
N TYR B 553 -28.61 4.65 12.51
CA TYR B 553 -28.40 3.58 13.47
C TYR B 553 -29.25 3.82 14.71
N ASN B 554 -29.49 2.76 15.47
CA ASN B 554 -30.24 2.89 16.71
C ASN B 554 -29.36 3.42 17.82
N TYR B 555 -29.90 4.35 18.60
CA TYR B 555 -29.08 5.12 19.53
C TYR B 555 -28.63 4.27 20.71
N ASN B 556 -29.53 3.49 21.30
CA ASN B 556 -29.29 2.83 22.58
C ASN B 556 -29.29 1.30 22.43
N VAL B 557 -28.57 0.80 21.43
CA VAL B 557 -28.43 -0.65 21.31
C VAL B 557 -27.68 -1.19 22.54
N LEU B 558 -28.08 -2.37 22.99
CA LEU B 558 -27.49 -2.97 24.17
C LEU B 558 -26.15 -3.60 23.84
N MET B 559 -25.19 -3.45 24.75
CA MET B 559 -23.81 -3.90 24.55
C MET B 559 -23.47 -5.14 25.37
N VAL B 560 -24.44 -5.77 26.00
CA VAL B 560 -24.22 -6.94 26.84
C VAL B 560 -24.98 -8.12 26.25
N PRO B 561 -24.32 -9.23 25.89
CA PRO B 561 -22.87 -9.50 25.99
C PRO B 561 -22.11 -8.84 24.85
N LYS B 562 -22.73 -8.79 23.68
CA LYS B 562 -22.18 -8.11 22.51
C LYS B 562 -23.28 -7.29 21.87
N PRO B 563 -22.94 -6.34 20.98
CA PRO B 563 -23.98 -5.46 20.43
C PRO B 563 -25.14 -6.25 19.84
N GLN B 564 -26.35 -5.80 20.16
CA GLN B 564 -27.56 -6.44 19.66
C GLN B 564 -27.96 -5.94 18.29
N GLY B 565 -27.36 -4.87 17.79
CA GLY B 565 -27.67 -4.34 16.49
C GLY B 565 -26.47 -3.69 15.85
N PRO B 566 -26.62 -3.25 14.60
CA PRO B 566 -25.51 -2.60 13.91
C PRO B 566 -25.03 -1.36 14.64
N LEU B 567 -23.74 -1.10 14.54
CA LEU B 567 -23.09 0.05 15.14
C LEU B 567 -22.34 0.82 14.06
N PRO B 568 -22.20 2.13 14.21
CA PRO B 568 -21.42 2.90 13.24
C PRO B 568 -19.93 2.76 13.46
N ASN B 569 -19.18 2.81 12.36
CA ASN B 569 -17.72 2.87 12.39
C ASN B 569 -17.08 1.56 12.80
N THR B 570 -17.88 0.56 13.17
CA THR B 570 -17.31 -0.69 13.65
C THR B 570 -16.68 -1.48 12.49
N ALA B 571 -17.43 -1.65 11.40
CA ALA B 571 -16.93 -2.45 10.28
C ALA B 571 -15.74 -1.77 9.62
N LEU B 572 -15.86 -0.46 9.33
CA LEU B 572 -14.78 0.24 8.67
C LEU B 572 -13.54 0.33 9.56
N LEU B 573 -13.74 0.55 10.87
CA LEU B 573 -12.60 0.60 11.77
C LEU B 573 -11.94 -0.77 11.89
N SER B 574 -12.71 -1.84 11.90
CA SER B 574 -12.12 -3.18 11.93
C SER B 574 -11.31 -3.44 10.66
N LEU B 575 -11.86 -3.06 9.51
CA LEU B 575 -11.12 -3.21 8.25
C LEU B 575 -9.83 -2.41 8.30
N VAL B 576 -9.89 -1.17 8.79
CA VAL B 576 -8.71 -0.33 8.86
C VAL B 576 -7.67 -0.95 9.79
N LEU B 577 -8.11 -1.45 10.94
CA LEU B 577 -7.17 -2.02 11.90
C LEU B 577 -6.47 -3.24 11.33
N MET B 578 -7.23 -4.15 10.71
CA MET B 578 -6.61 -5.34 10.14
C MET B 578 -5.66 -4.97 9.00
N ALA B 579 -6.09 -4.07 8.12
CA ALA B 579 -5.24 -3.66 7.00
C ALA B 579 -3.96 -3.00 7.51
N GLY B 580 -4.07 -2.17 8.53
CA GLY B 580 -2.89 -1.52 9.08
C GLY B 580 -1.95 -2.49 9.75
N THR B 581 -2.50 -3.47 10.49
CA THR B 581 -1.64 -4.47 11.12
C THR B 581 -0.89 -5.26 10.06
N PHE B 582 -1.59 -5.69 9.01
CA PHE B 582 -0.95 -6.43 7.93
C PHE B 582 0.12 -5.57 7.26
N PHE B 583 -0.20 -4.31 6.98
CA PHE B 583 0.75 -3.44 6.30
C PHE B 583 1.99 -3.21 7.14
N PHE B 584 1.81 -2.98 8.44
CA PHE B 584 2.95 -2.73 9.30
C PHE B 584 3.81 -3.98 9.47
N ALA B 585 3.19 -5.15 9.60
CA ALA B 585 3.96 -6.37 9.68
C ALA B 585 4.76 -6.60 8.40
N MET B 586 4.11 -6.39 7.24
CA MET B 586 4.82 -6.55 5.98
C MET B 586 5.96 -5.54 5.85
N MET B 587 5.73 -4.30 6.26
CA MET B 587 6.74 -3.26 6.12
C MET B 587 7.93 -3.55 7.02
N LEU B 588 7.69 -4.03 8.24
CA LEU B 588 8.79 -4.37 9.13
C LEU B 588 9.53 -5.62 8.64
N ARG B 589 8.80 -6.56 8.03
CA ARG B 589 9.46 -7.71 7.42
C ARG B 589 10.39 -7.27 6.30
N LYS B 590 9.93 -6.34 5.46
CA LYS B 590 10.81 -5.78 4.43
C LYS B 590 11.98 -5.04 5.05
N PHE B 591 11.72 -4.26 6.10
CA PHE B 591 12.77 -3.50 6.77
C PHE B 591 13.83 -4.41 7.37
N LYS B 592 13.45 -5.65 7.71
CA LYS B 592 14.44 -6.60 8.21
C LYS B 592 15.52 -6.88 7.18
N ASN B 593 15.13 -7.06 5.92
CA ASN B 593 16.04 -7.41 4.84
C ASN B 593 16.39 -6.20 3.99
N SER B 594 16.48 -5.02 4.60
CA SER B 594 16.80 -3.79 3.90
C SER B 594 18.22 -3.34 4.27
N SER B 595 18.60 -2.19 3.75
CA SER B 595 19.92 -1.61 4.01
C SER B 595 19.88 -0.42 4.96
N TYR B 596 18.69 0.00 5.39
CA TYR B 596 18.58 1.19 6.23
C TYR B 596 18.93 0.88 7.68
N PHE B 597 19.38 1.91 8.39
CA PHE B 597 19.64 1.86 9.83
C PHE B 597 20.82 0.93 10.12
N PRO B 598 21.42 1.03 11.31
CA PRO B 598 22.49 0.08 11.66
C PRO B 598 21.97 -1.35 11.65
N GLY B 599 22.86 -2.27 11.29
CA GLY B 599 22.44 -3.65 11.10
C GLY B 599 21.80 -4.25 12.34
N LYS B 600 22.41 -4.03 13.51
CA LYS B 600 21.90 -4.63 14.74
C LYS B 600 20.47 -4.19 15.02
N LEU B 601 20.24 -2.87 15.01
CA LEU B 601 18.90 -2.36 15.28
C LEU B 601 17.91 -2.82 14.21
N ARG B 602 18.35 -2.85 12.95
CA ARG B 602 17.48 -3.29 11.87
C ARG B 602 17.02 -4.72 12.08
N ARG B 603 17.94 -5.61 12.43
CA ARG B 603 17.59 -7.00 12.64
C ARG B 603 16.74 -7.17 13.90
N VAL B 604 17.03 -6.40 14.94
CA VAL B 604 16.22 -6.47 16.16
C VAL B 604 14.79 -6.06 15.87
N ILE B 605 14.61 -4.97 15.13
CA ILE B 605 13.26 -4.51 14.82
C ILE B 605 12.56 -5.48 13.88
N GLY B 606 13.30 -6.09 12.95
CA GLY B 606 12.68 -7.06 12.07
C GLY B 606 12.23 -8.31 12.81
N ASP B 607 12.99 -8.73 13.82
CA ASP B 607 12.62 -9.91 14.59
C ASP B 607 11.30 -9.72 15.31
N PHE B 608 11.08 -8.53 15.87
CA PHE B 608 9.88 -8.21 16.62
C PHE B 608 8.88 -7.43 15.80
N GLY B 609 8.78 -7.72 14.50
CA GLY B 609 7.87 -6.97 13.65
C GLY B 609 6.41 -7.21 13.99
N VAL B 610 6.03 -8.47 14.21
CA VAL B 610 4.63 -8.82 14.47
C VAL B 610 4.19 -8.22 15.80
N PRO B 611 4.93 -8.41 16.89
CA PRO B 611 4.55 -7.75 18.15
C PRO B 611 4.48 -6.24 18.02
N ILE B 612 5.40 -5.63 17.25
CA ILE B 612 5.40 -4.18 17.12
C ILE B 612 4.16 -3.71 16.36
N SER B 613 3.80 -4.41 15.30
CA SER B 613 2.58 -4.05 14.57
C SER B 613 1.34 -4.21 15.45
N ILE B 614 1.29 -5.31 16.22
CA ILE B 614 0.17 -5.52 17.12
C ILE B 614 0.08 -4.36 18.11
N LEU B 615 1.22 -3.97 18.69
CA LEU B 615 1.22 -2.87 19.63
C LEU B 615 0.77 -1.57 18.99
N ILE B 616 1.25 -1.29 17.78
CA ILE B 616 0.91 -0.04 17.11
C ILE B 616 -0.59 0.04 16.88
N MET B 617 -1.18 -1.03 16.33
CA MET B 617 -2.60 -0.98 16.03
C MET B 617 -3.45 -1.05 17.29
N VAL B 618 -2.95 -1.72 18.33
CA VAL B 618 -3.68 -1.74 19.60
C VAL B 618 -3.72 -0.35 20.20
N LEU B 619 -2.60 0.38 20.14
CA LEU B 619 -2.61 1.77 20.60
C LEU B 619 -3.54 2.62 19.76
N VAL B 620 -3.50 2.44 18.44
CA VAL B 620 -4.39 3.20 17.56
C VAL B 620 -5.84 3.01 17.97
N ASP B 621 -6.24 1.75 18.21
CA ASP B 621 -7.61 1.48 18.62
C ASP B 621 -7.88 1.96 20.05
N PHE B 622 -6.87 1.93 20.91
CA PHE B 622 -7.05 2.34 22.29
C PHE B 622 -7.34 3.82 22.39
N PHE B 623 -6.69 4.64 21.57
CA PHE B 623 -6.92 6.08 21.64
C PHE B 623 -8.21 6.48 20.93
N ILE B 624 -8.79 5.59 20.14
CA ILE B 624 -10.15 5.78 19.64
C ILE B 624 -11.09 5.16 20.66
N GLN B 625 -11.89 6.00 21.33
CA GLN B 625 -12.65 5.58 22.48
C GLN B 625 -14.16 5.47 22.25
N ASP B 626 -14.69 6.15 21.24
CA ASP B 626 -16.13 6.18 21.01
C ASP B 626 -16.60 5.16 19.99
N THR B 627 -15.71 4.36 19.42
CA THR B 627 -16.06 3.33 18.44
C THR B 627 -15.85 1.96 19.05
N TYR B 628 -16.81 1.07 18.84
CA TYR B 628 -16.74 -0.29 19.37
C TYR B 628 -16.03 -1.20 18.37
N THR B 629 -15.07 -1.97 18.87
CA THR B 629 -14.46 -3.06 18.12
C THR B 629 -14.36 -4.27 19.03
N GLN B 630 -14.72 -5.44 18.50
CA GLN B 630 -14.70 -6.66 19.29
C GLN B 630 -13.29 -6.94 19.80
N LYS B 631 -13.20 -7.40 21.04
CA LYS B 631 -11.92 -7.62 21.70
C LYS B 631 -11.75 -9.08 22.07
N LEU B 632 -10.54 -9.42 22.51
CA LEU B 632 -10.26 -10.77 22.97
C LEU B 632 -11.07 -11.07 24.24
N SER B 633 -11.64 -12.27 24.29
CA SER B 633 -12.36 -12.73 25.47
C SER B 633 -11.38 -13.51 26.35
N VAL B 634 -10.77 -12.81 27.30
CA VAL B 634 -9.76 -13.39 28.17
C VAL B 634 -10.30 -13.34 29.60
N PRO B 635 -10.43 -14.47 30.30
CA PRO B 635 -10.85 -14.42 31.70
C PRO B 635 -9.75 -13.86 32.59
N ASP B 636 -10.15 -13.45 33.79
CA ASP B 636 -9.24 -12.84 34.75
C ASP B 636 -8.70 -13.95 35.65
N GLY B 637 -7.54 -14.48 35.29
CA GLY B 637 -6.88 -15.53 36.05
C GLY B 637 -6.82 -16.82 35.27
N PHE B 638 -6.33 -17.85 35.96
CA PHE B 638 -6.25 -19.20 35.39
C PHE B 638 -7.66 -19.81 35.42
N LYS B 639 -8.49 -19.38 34.48
CA LYS B 639 -9.87 -19.81 34.40
C LYS B 639 -10.24 -20.06 32.95
N VAL B 640 -11.27 -20.87 32.74
CA VAL B 640 -11.76 -21.17 31.40
C VAL B 640 -12.42 -19.92 30.84
N SER B 641 -12.68 -19.91 29.53
CA SER B 641 -13.21 -18.73 28.89
C SER B 641 -14.60 -18.38 29.44
N ASN B 642 -15.55 -19.30 29.30
CA ASN B 642 -16.90 -19.14 29.84
C ASN B 642 -17.16 -20.30 30.80
N SER B 643 -17.19 -20.01 32.10
CA SER B 643 -17.48 -21.04 33.08
C SER B 643 -18.93 -21.50 33.01
N SER B 644 -19.79 -20.74 32.34
CA SER B 644 -21.18 -21.16 32.18
C SER B 644 -21.29 -22.39 31.30
N ALA B 645 -20.27 -22.67 30.49
CA ALA B 645 -20.33 -23.81 29.58
C ALA B 645 -19.60 -25.03 30.13
N ARG B 646 -18.50 -24.82 30.84
CA ARG B 646 -17.67 -25.94 31.28
C ARG B 646 -16.77 -25.49 32.42
N GLY B 647 -16.22 -26.48 33.12
CA GLY B 647 -15.20 -26.23 34.12
C GLY B 647 -13.84 -26.62 33.57
N TRP B 648 -12.93 -27.07 34.43
CA TRP B 648 -11.60 -27.47 33.97
C TRP B 648 -11.58 -28.94 33.58
N VAL B 649 -11.91 -29.83 34.51
CA VAL B 649 -11.92 -31.26 34.24
C VAL B 649 -13.24 -31.62 33.56
N ILE B 650 -13.14 -32.25 32.39
CA ILE B 650 -14.31 -32.63 31.61
C ILE B 650 -14.71 -34.06 32.00
N HIS B 651 -15.99 -34.25 32.30
CA HIS B 651 -16.49 -35.59 32.59
C HIS B 651 -16.68 -36.34 31.27
N PRO B 652 -16.01 -37.48 31.07
CA PRO B 652 -16.13 -38.16 29.76
C PRO B 652 -17.55 -38.53 29.40
N LEU B 653 -18.38 -38.91 30.37
CA LEU B 653 -19.71 -39.41 30.05
C LEU B 653 -20.69 -38.30 29.70
N GLY B 654 -20.34 -37.05 29.93
CA GLY B 654 -21.20 -35.95 29.54
C GLY B 654 -21.19 -34.85 30.59
N LEU B 655 -21.61 -33.67 30.14
CA LEU B 655 -21.73 -32.50 31.01
C LEU B 655 -23.17 -32.07 31.20
N ARG B 656 -23.91 -31.90 30.10
CA ARG B 656 -25.34 -31.62 30.15
C ARG B 656 -26.16 -32.80 29.63
N SER B 657 -25.86 -33.28 28.43
CA SER B 657 -26.48 -34.47 27.87
C SER B 657 -25.53 -35.66 28.05
N GLU B 658 -26.04 -36.86 27.77
CA GLU B 658 -25.23 -38.07 27.82
C GLU B 658 -24.56 -38.30 26.48
N PHE B 659 -23.25 -38.52 26.51
CA PHE B 659 -22.49 -38.73 25.29
C PHE B 659 -22.88 -40.07 24.67
N PRO B 660 -23.24 -40.11 23.38
CA PRO B 660 -23.70 -41.37 22.79
C PRO B 660 -22.66 -42.47 22.88
N ILE B 661 -23.14 -43.70 23.05
CA ILE B 661 -22.24 -44.85 23.11
C ILE B 661 -21.52 -45.02 21.78
N TRP B 662 -22.24 -44.88 20.67
CA TRP B 662 -21.63 -45.12 19.37
C TRP B 662 -20.49 -44.14 19.10
N MET B 663 -20.60 -42.91 19.61
CA MET B 663 -19.56 -41.92 19.35
C MET B 663 -18.29 -42.26 20.11
N MET B 664 -18.39 -42.92 21.27
CA MET B 664 -17.20 -43.32 22.01
C MET B 664 -16.32 -44.25 21.18
N PHE B 665 -16.90 -44.92 20.19
CA PHE B 665 -16.14 -45.77 19.28
C PHE B 665 -15.84 -45.07 17.97
N ALA B 666 -16.81 -44.30 17.44
CA ALA B 666 -16.60 -43.57 16.21
C ALA B 666 -15.52 -42.50 16.35
N SER B 667 -15.17 -42.13 17.59
CA SER B 667 -14.11 -41.16 17.82
C SER B 667 -12.73 -41.74 17.54
N ALA B 668 -12.64 -42.98 17.08
CA ALA B 668 -11.34 -43.52 16.68
C ALA B 668 -10.91 -42.93 15.34
N LEU B 669 -11.85 -42.72 14.42
CA LEU B 669 -11.50 -42.13 13.13
C LEU B 669 -11.01 -40.70 13.29
N PRO B 670 -11.68 -39.81 14.03
CA PRO B 670 -11.09 -38.49 14.27
C PRO B 670 -9.72 -38.56 14.94
N ALA B 671 -9.50 -39.54 15.82
CA ALA B 671 -8.17 -39.69 16.41
C ALA B 671 -7.14 -40.05 15.33
N LEU B 672 -7.52 -40.92 14.40
CA LEU B 672 -6.63 -41.24 13.28
C LEU B 672 -6.30 -40.00 12.47
N LEU B 673 -7.32 -39.18 12.19
CA LEU B 673 -7.09 -37.97 11.40
C LEU B 673 -6.20 -36.98 12.15
N VAL B 674 -6.41 -36.83 13.46
CA VAL B 674 -5.55 -35.96 14.25
C VAL B 674 -4.12 -36.47 14.24
N PHE B 675 -3.93 -37.78 14.36
CA PHE B 675 -2.59 -38.34 14.31
C PHE B 675 -1.94 -38.06 12.96
N ILE B 676 -2.69 -38.23 11.87
CA ILE B 676 -2.14 -37.95 10.55
C ILE B 676 -1.71 -36.49 10.46
N LEU B 677 -2.56 -35.58 10.94
CA LEU B 677 -2.24 -34.16 10.84
C LEU B 677 -1.00 -33.80 11.64
N ILE B 678 -0.95 -34.24 12.90
CA ILE B 678 0.19 -33.95 13.75
C ILE B 678 1.46 -34.56 13.18
N PHE B 679 1.37 -35.78 12.64
CA PHE B 679 2.54 -36.43 12.07
C PHE B 679 3.04 -35.67 10.85
N LEU B 680 2.13 -35.23 9.98
CA LEU B 680 2.53 -34.43 8.82
C LEU B 680 3.23 -33.16 9.26
N GLU B 681 2.66 -32.46 10.25
CA GLU B 681 3.28 -31.23 10.72
C GLU B 681 4.68 -31.50 11.28
N SER B 682 4.80 -32.51 12.14
CA SER B 682 6.09 -32.81 12.73
C SER B 682 7.11 -33.22 11.69
N GLN B 683 6.66 -33.90 10.62
CA GLN B 683 7.57 -34.31 9.57
C GLN B 683 8.05 -33.10 8.76
N ILE B 684 7.14 -32.22 8.37
CA ILE B 684 7.56 -31.04 7.63
C ILE B 684 8.40 -30.11 8.51
N THR B 685 8.27 -30.22 9.83
CA THR B 685 9.03 -29.37 10.74
C THR B 685 10.44 -29.90 10.98
N THR B 686 10.55 -31.15 11.47
CA THR B 686 11.86 -31.68 11.83
C THR B 686 12.79 -31.73 10.64
N LEU B 687 12.30 -32.18 9.49
CA LEU B 687 13.11 -32.25 8.29
C LEU B 687 13.32 -30.86 7.71
N GLY B 701 14.75 -40.15 19.17
CA GLY B 701 14.58 -39.69 17.81
C GLY B 701 13.27 -38.94 17.60
N PHE B 702 12.95 -38.64 16.33
CA PHE B 702 11.72 -37.94 16.04
C PHE B 702 10.49 -38.73 16.47
N HIS B 703 10.58 -40.06 16.44
CA HIS B 703 9.44 -40.88 16.83
C HIS B 703 9.04 -40.62 18.28
N LEU B 704 10.02 -40.59 19.18
CA LEU B 704 9.71 -40.40 20.59
C LEU B 704 9.07 -39.04 20.84
N ASP B 705 9.60 -37.99 20.21
CA ASP B 705 9.02 -36.66 20.37
C ASP B 705 7.62 -36.57 19.77
N LEU B 706 7.40 -37.16 18.59
CA LEU B 706 6.08 -37.14 17.99
C LEU B 706 5.08 -37.86 18.88
N LEU B 707 5.46 -39.01 19.42
CA LEU B 707 4.55 -39.76 20.28
C LEU B 707 4.33 -39.05 21.61
N LEU B 708 5.35 -38.37 22.13
CA LEU B 708 5.15 -37.56 23.33
C LEU B 708 4.17 -36.43 23.07
N VAL B 709 4.29 -35.77 21.92
CA VAL B 709 3.36 -34.70 21.58
C VAL B 709 1.95 -35.24 21.49
N VAL B 710 1.78 -36.38 20.82
CA VAL B 710 0.44 -36.93 20.63
C VAL B 710 -0.14 -37.38 21.97
N GLY B 711 0.68 -38.00 22.83
CA GLY B 711 0.18 -38.42 24.13
C GLY B 711 -0.18 -37.25 25.02
N MET B 712 0.65 -36.21 25.02
CA MET B 712 0.34 -35.01 25.79
C MET B 712 -0.93 -34.35 25.28
N GLY B 713 -1.13 -34.34 23.96
CA GLY B 713 -2.37 -33.81 23.42
C GLY B 713 -3.57 -34.65 23.80
N GLY B 714 -3.41 -35.97 23.87
CA GLY B 714 -4.50 -36.82 24.31
C GLY B 714 -4.85 -36.58 25.76
N VAL B 715 -3.83 -36.45 26.62
CA VAL B 715 -4.07 -36.18 28.03
C VAL B 715 -4.67 -34.80 28.21
N ALA B 716 -4.30 -33.85 27.34
CA ALA B 716 -4.79 -32.49 27.48
C ALA B 716 -6.27 -32.38 27.13
N ALA B 717 -6.75 -33.23 26.22
CA ALA B 717 -8.16 -33.19 25.84
C ALA B 717 -9.08 -33.52 27.01
N LEU B 718 -8.60 -34.29 27.99
CA LEU B 718 -9.41 -34.59 29.16
C LEU B 718 -9.80 -33.34 29.92
N PHE B 719 -8.97 -32.29 29.86
CA PHE B 719 -9.20 -31.04 30.58
C PHE B 719 -9.73 -29.95 29.66
N GLY B 720 -10.20 -30.31 28.46
CA GLY B 720 -10.70 -29.32 27.54
C GLY B 720 -9.64 -28.45 26.93
N MET B 721 -8.37 -28.83 27.06
CA MET B 721 -7.27 -28.02 26.54
C MET B 721 -6.82 -28.56 25.19
N PRO B 722 -6.38 -27.69 24.28
CA PRO B 722 -6.03 -28.15 22.94
C PRO B 722 -4.80 -29.03 22.93
N TRP B 723 -4.75 -29.93 21.94
CA TRP B 723 -3.56 -30.71 21.66
C TRP B 723 -2.69 -29.97 20.66
N LEU B 724 -1.38 -30.02 20.87
CA LEU B 724 -0.43 -29.21 20.12
C LEU B 724 0.36 -30.08 19.14
N SER B 725 1.10 -29.40 18.28
CA SER B 725 2.01 -30.03 17.34
C SER B 725 3.40 -29.46 17.51
N ALA B 726 4.40 -30.20 17.04
CA ALA B 726 5.79 -29.75 17.09
C ALA B 726 6.01 -28.83 15.89
N THR B 727 5.86 -27.53 16.12
CA THR B 727 5.82 -26.56 15.03
C THR B 727 7.09 -26.59 14.18
N THR B 728 8.23 -26.22 14.77
CA THR B 728 9.49 -26.20 14.04
C THR B 728 10.58 -25.76 15.00
N VAL B 729 11.82 -25.75 14.50
CA VAL B 729 12.99 -25.34 15.26
C VAL B 729 12.80 -23.92 15.78
N ARG B 730 13.42 -23.62 16.92
CA ARG B 730 13.41 -22.28 17.47
C ARG B 730 14.75 -21.60 17.18
N SER B 731 14.77 -20.27 17.34
CA SER B 731 15.99 -19.50 17.12
C SER B 731 16.94 -19.64 18.29
N ALA B 751 30.33 -30.21 26.29
CA ALA B 751 30.09 -29.35 25.13
C ALA B 751 28.65 -29.50 24.65
N GLN B 752 28.30 -30.70 24.17
CA GLN B 752 26.94 -30.96 23.74
C GLN B 752 25.97 -30.85 24.91
N ILE B 753 26.37 -31.34 26.08
CA ILE B 753 25.51 -31.26 27.26
C ILE B 753 25.21 -29.82 27.62
N GLN B 754 26.19 -28.92 27.46
CA GLN B 754 25.95 -27.52 27.77
C GLN B 754 24.85 -26.94 26.87
N GLU B 755 24.94 -27.21 25.56
CA GLU B 755 23.91 -26.70 24.65
C GLU B 755 22.55 -27.34 24.95
N VAL B 756 22.54 -28.63 25.28
CA VAL B 756 21.28 -29.29 25.59
C VAL B 756 20.64 -28.64 26.82
N LYS B 757 21.44 -28.40 27.87
CA LYS B 757 20.91 -27.77 29.07
C LYS B 757 20.43 -26.35 28.80
N GLU B 758 21.17 -25.61 27.96
CA GLU B 758 20.75 -24.26 27.61
C GLU B 758 19.40 -24.29 26.89
N GLN B 759 19.23 -25.24 25.97
CA GLN B 759 17.94 -25.37 25.29
C GLN B 759 16.84 -25.75 26.27
N ARG B 760 17.12 -26.66 27.20
CA ARG B 760 16.17 -27.02 28.24
C ARG B 760 15.70 -25.77 28.97
N ILE B 761 16.66 -24.96 29.42
CA ILE B 761 16.34 -23.79 30.24
C ILE B 761 15.56 -22.77 29.41
N SER B 762 15.95 -22.56 28.15
CA SER B 762 15.24 -21.61 27.30
C SER B 762 13.80 -22.05 27.09
N GLY B 763 13.59 -23.33 26.80
CA GLY B 763 12.24 -23.82 26.63
C GLY B 763 11.41 -23.69 27.89
N LEU B 764 12.01 -24.02 29.04
CA LEU B 764 11.29 -23.89 30.30
C LEU B 764 10.89 -22.44 30.55
N LEU B 765 11.82 -21.50 30.33
CA LEU B 765 11.50 -20.10 30.56
C LEU B 765 10.40 -19.62 29.62
N VAL B 766 10.48 -19.99 28.35
CA VAL B 766 9.47 -19.54 27.40
C VAL B 766 8.10 -20.12 27.77
N ALA B 767 8.06 -21.41 28.12
CA ALA B 767 6.79 -22.02 28.49
C ALA B 767 6.21 -21.36 29.74
N VAL B 768 7.05 -21.10 30.74
CA VAL B 768 6.58 -20.44 31.95
C VAL B 768 6.03 -19.06 31.63
N LEU B 769 6.71 -18.32 30.77
CA LEU B 769 6.23 -16.98 30.40
C LEU B 769 4.91 -17.06 29.66
N VAL B 770 4.77 -18.04 28.76
CA VAL B 770 3.51 -18.19 28.03
C VAL B 770 2.38 -18.50 29.02
N GLY B 771 2.66 -19.36 30.00
CA GLY B 771 1.65 -19.65 31.00
C GLY B 771 1.26 -18.44 31.83
N LEU B 772 2.26 -17.70 32.31
CA LEU B 772 2.04 -16.50 33.10
C LEU B 772 1.42 -15.37 32.30
N SER B 773 1.46 -15.43 30.97
CA SER B 773 0.91 -14.35 30.16
C SER B 773 -0.61 -14.25 30.27
N ILE B 774 -1.27 -15.24 30.86
CA ILE B 774 -2.72 -15.14 31.03
C ILE B 774 -3.08 -14.23 32.19
N LEU B 775 -2.11 -13.89 33.05
CA LEU B 775 -2.34 -12.89 34.08
C LEU B 775 -2.30 -11.47 33.52
N MET B 776 -1.99 -11.31 32.23
CA MET B 776 -1.97 -10.01 31.59
C MET B 776 -3.31 -9.65 30.96
N GLU B 777 -4.41 -10.11 31.56
CA GLU B 777 -5.73 -9.78 31.04
C GLU B 777 -5.92 -8.30 30.80
N PRO B 778 -5.49 -7.38 31.68
CA PRO B 778 -5.61 -5.95 31.38
C PRO B 778 -5.17 -5.61 29.95
N ILE B 779 -4.03 -6.15 29.53
CA ILE B 779 -3.51 -5.82 28.21
C ILE B 779 -4.24 -6.60 27.12
N LEU B 780 -4.44 -7.90 27.34
CA LEU B 780 -4.99 -8.74 26.29
C LEU B 780 -6.43 -8.37 25.95
N SER B 781 -7.21 -7.93 26.94
CA SER B 781 -8.60 -7.58 26.69
C SER B 781 -8.74 -6.34 25.83
N ARG B 782 -7.68 -5.57 25.62
CA ARG B 782 -7.73 -4.37 24.79
C ARG B 782 -7.25 -4.61 23.37
N ILE B 783 -6.92 -5.85 23.02
CA ILE B 783 -6.46 -6.18 21.67
C ILE B 783 -7.69 -6.49 20.83
N PRO B 784 -7.98 -5.70 19.79
CA PRO B 784 -9.12 -6.03 18.93
C PRO B 784 -8.89 -7.32 18.17
N LEU B 785 -9.99 -7.98 17.81
CA LEU B 785 -9.88 -9.17 16.97
C LEU B 785 -9.47 -8.82 15.55
N ALA B 786 -9.69 -7.57 15.14
CA ALA B 786 -9.27 -7.16 13.80
C ALA B 786 -7.75 -7.15 13.67
N VAL B 787 -7.05 -6.73 14.71
CA VAL B 787 -5.60 -6.79 14.69
C VAL B 787 -5.13 -8.23 14.55
N LEU B 788 -5.76 -9.14 15.28
CA LEU B 788 -5.40 -10.55 15.17
C LEU B 788 -5.76 -11.11 13.81
N PHE B 789 -6.81 -10.60 13.18
CA PHE B 789 -7.12 -11.01 11.80
C PHE B 789 -6.03 -10.54 10.85
N GLY B 790 -5.52 -9.32 11.06
CA GLY B 790 -4.40 -8.85 10.26
C GLY B 790 -3.18 -9.72 10.42
N ILE B 791 -2.91 -10.14 11.66
CA ILE B 791 -1.77 -11.05 11.89
C ILE B 791 -2.03 -12.42 11.26
N PHE B 792 -3.28 -12.88 11.29
CA PHE B 792 -3.64 -14.12 10.63
C PHE B 792 -3.34 -14.06 9.14
N LEU B 793 -3.75 -12.96 8.51
CA LEU B 793 -3.46 -12.77 7.08
C LEU B 793 -1.96 -12.68 6.85
N TYR B 794 -1.24 -12.03 7.75
CA TYR B 794 0.21 -11.93 7.61
C TYR B 794 0.85 -13.31 7.62
N MET B 795 0.45 -14.16 8.57
CA MET B 795 0.97 -15.53 8.60
C MET B 795 0.62 -16.27 7.32
N GLY B 796 -0.63 -16.17 6.88
CA GLY B 796 -1.03 -16.86 5.67
C GLY B 796 -0.20 -16.45 4.46
N VAL B 797 0.03 -15.15 4.31
CA VAL B 797 0.79 -14.66 3.16
C VAL B 797 2.26 -15.06 3.28
N THR B 798 2.85 -14.89 4.47
CA THR B 798 4.28 -15.14 4.62
C THR B 798 4.62 -16.61 4.49
N SER B 799 3.71 -17.52 4.89
CA SER B 799 3.99 -18.93 4.74
C SER B 799 4.13 -19.35 3.27
N LEU B 800 3.66 -18.51 2.34
CA LEU B 800 3.74 -18.87 0.93
C LEU B 800 5.18 -18.86 0.44
N SER B 801 6.00 -17.96 0.97
CA SER B 801 7.39 -17.88 0.53
C SER B 801 8.13 -19.17 0.85
N GLY B 802 8.90 -19.65 -0.12
CA GLY B 802 9.64 -20.88 0.03
C GLY B 802 8.93 -22.13 -0.45
N ILE B 803 7.68 -22.01 -0.89
CA ILE B 803 6.91 -23.15 -1.38
C ILE B 803 7.07 -23.18 -2.90
N GLN B 804 7.73 -24.21 -3.41
CA GLN B 804 7.94 -24.32 -4.85
C GLN B 804 6.62 -24.40 -5.61
N LEU B 805 5.56 -24.90 -4.98
CA LEU B 805 4.26 -24.90 -5.65
C LEU B 805 3.79 -23.49 -5.93
N PHE B 806 3.96 -22.58 -4.97
CA PHE B 806 3.64 -21.18 -5.20
C PHE B 806 4.56 -20.57 -6.25
N ASP B 807 5.84 -20.97 -6.25
CA ASP B 807 6.76 -20.46 -7.25
C ASP B 807 6.33 -20.85 -8.66
N ARG B 808 5.92 -22.10 -8.84
CA ARG B 808 5.47 -22.55 -10.16
C ARG B 808 4.11 -21.96 -10.51
N ILE B 809 3.25 -21.71 -9.51
CA ILE B 809 2.00 -21.02 -9.79
C ILE B 809 2.27 -19.60 -10.28
N LEU B 810 3.32 -18.97 -9.75
CA LEU B 810 3.73 -17.67 -10.26
C LEU B 810 4.34 -17.77 -11.64
N LEU B 811 5.12 -18.82 -11.90
CA LEU B 811 5.66 -19.04 -13.24
C LEU B 811 4.57 -19.31 -14.26
N LEU B 812 3.42 -19.81 -13.82
CA LEU B 812 2.28 -19.94 -14.72
C LEU B 812 1.93 -18.61 -15.38
N PHE B 813 2.20 -17.50 -14.69
CA PHE B 813 1.79 -16.18 -15.12
C PHE B 813 2.93 -15.36 -15.70
N LYS B 814 4.09 -15.97 -15.95
CA LYS B 814 5.19 -15.28 -16.62
C LYS B 814 5.50 -15.94 -17.95
N PRO B 815 5.98 -15.17 -18.94
CA PRO B 815 6.49 -15.81 -20.14
C PRO B 815 7.76 -16.59 -19.83
N PRO B 816 8.03 -17.66 -20.58
CA PRO B 816 9.15 -18.55 -20.18
C PRO B 816 10.50 -17.86 -20.13
N LYS B 817 10.68 -16.73 -20.80
CA LYS B 817 11.98 -16.07 -20.80
C LYS B 817 12.39 -15.58 -19.42
N TYR B 818 11.43 -15.31 -18.54
CA TYR B 818 11.72 -14.81 -17.20
C TYR B 818 11.75 -15.91 -16.15
N HIS B 819 11.55 -17.16 -16.53
CA HIS B 819 11.59 -18.23 -15.55
C HIS B 819 12.99 -18.31 -14.93
N PRO B 820 13.10 -18.54 -13.63
CA PRO B 820 14.43 -18.52 -12.99
C PRO B 820 15.33 -19.65 -13.46
N ASP B 821 16.56 -19.67 -12.96
CA ASP B 821 17.52 -20.73 -13.29
C ASP B 821 17.47 -21.76 -12.16
N VAL B 822 16.52 -22.68 -12.27
CA VAL B 822 16.34 -23.73 -11.27
C VAL B 822 16.29 -25.08 -12.00
N PRO B 823 16.60 -26.17 -11.30
CA PRO B 823 16.63 -27.48 -11.97
C PRO B 823 15.32 -27.87 -12.63
N TYR B 824 14.18 -27.50 -12.04
CA TYR B 824 12.90 -27.90 -12.60
C TYR B 824 12.43 -26.98 -13.73
N VAL B 825 13.19 -25.93 -14.04
CA VAL B 825 12.90 -25.06 -15.16
C VAL B 825 13.77 -25.39 -16.37
N LYS B 826 15.03 -25.71 -16.15
CA LYS B 826 15.94 -25.98 -17.26
C LYS B 826 15.78 -27.39 -17.79
N ARG B 827 15.64 -28.37 -16.91
CA ARG B 827 15.62 -29.77 -17.30
C ARG B 827 14.21 -30.31 -17.55
N VAL B 828 13.19 -29.47 -17.43
CA VAL B 828 11.80 -29.87 -17.68
C VAL B 828 11.20 -28.90 -18.68
N LYS B 829 10.52 -29.43 -19.69
CA LYS B 829 9.81 -28.58 -20.63
C LYS B 829 8.79 -27.73 -19.90
N THR B 830 8.51 -26.55 -20.45
CA THR B 830 7.62 -25.62 -19.76
C THR B 830 6.22 -26.22 -19.59
N TRP B 831 5.68 -26.85 -20.64
CA TRP B 831 4.32 -27.35 -20.55
C TRP B 831 4.23 -28.57 -19.64
N ARG B 832 5.31 -29.35 -19.52
CA ARG B 832 5.31 -30.43 -18.55
C ARG B 832 5.28 -29.90 -17.12
N MET B 833 6.07 -28.85 -16.84
CA MET B 833 6.02 -28.20 -15.55
C MET B 833 4.63 -27.65 -15.27
N HIS B 834 4.01 -27.07 -16.29
CA HIS B 834 2.67 -26.51 -16.11
C HIS B 834 1.65 -27.61 -15.85
N LEU B 835 1.79 -28.76 -16.51
CA LEU B 835 0.90 -29.88 -16.24
C LEU B 835 1.09 -30.40 -14.81
N PHE B 836 2.34 -30.48 -14.35
CA PHE B 836 2.61 -30.86 -12.97
C PHE B 836 1.92 -29.91 -12.00
N THR B 837 2.10 -28.61 -12.21
CA THR B 837 1.47 -27.62 -11.33
C THR B 837 -0.04 -27.69 -11.41
N GLY B 838 -0.58 -27.97 -12.59
CA GLY B 838 -2.02 -28.09 -12.73
C GLY B 838 -2.58 -29.29 -12.00
N ILE B 839 -1.85 -30.41 -12.01
CA ILE B 839 -2.29 -31.56 -11.23
C ILE B 839 -2.27 -31.23 -9.74
N GLN B 840 -1.22 -30.53 -9.29
CA GLN B 840 -1.20 -30.12 -7.89
C GLN B 840 -2.35 -29.17 -7.57
N ILE B 841 -2.70 -28.29 -8.51
CA ILE B 841 -3.82 -27.37 -8.29
C ILE B 841 -5.14 -28.14 -8.23
N ILE B 842 -5.27 -29.19 -9.06
CA ILE B 842 -6.45 -30.03 -8.98
C ILE B 842 -6.53 -30.70 -7.62
N CYS B 843 -5.40 -31.17 -7.10
CA CYS B 843 -5.39 -31.73 -5.75
C CYS B 843 -5.85 -30.69 -4.73
N LEU B 844 -5.35 -29.46 -4.85
CA LEU B 844 -5.76 -28.40 -3.93
C LEU B 844 -7.26 -28.14 -4.02
N ALA B 845 -7.81 -28.13 -5.24
CA ALA B 845 -9.23 -27.89 -5.41
C ALA B 845 -10.06 -29.01 -4.80
N VAL B 846 -9.62 -30.26 -4.97
CA VAL B 846 -10.32 -31.37 -4.34
C VAL B 846 -10.27 -31.24 -2.82
N LEU B 847 -9.12 -30.84 -2.28
CA LEU B 847 -9.02 -30.64 -0.84
C LEU B 847 -9.98 -29.55 -0.37
N TRP B 848 -10.07 -28.45 -1.12
CA TRP B 848 -10.97 -27.37 -0.75
C TRP B 848 -12.43 -27.82 -0.79
N VAL B 849 -12.80 -28.58 -1.83
CA VAL B 849 -14.17 -29.07 -1.92
C VAL B 849 -14.48 -29.98 -0.73
N VAL B 850 -13.54 -30.85 -0.38
CA VAL B 850 -13.75 -31.74 0.77
C VAL B 850 -13.89 -30.91 2.04
N LYS B 851 -13.10 -29.85 2.17
CA LYS B 851 -13.18 -29.00 3.35
C LYS B 851 -14.51 -28.26 3.42
N SER B 852 -15.10 -27.93 2.28
CA SER B 852 -16.38 -27.23 2.28
C SER B 852 -17.54 -28.15 2.65
N THR B 853 -17.52 -29.39 2.17
CA THR B 853 -18.61 -30.31 2.41
C THR B 853 -18.64 -30.75 3.86
N PRO B 854 -19.77 -31.30 4.33
CA PRO B 854 -19.84 -31.78 5.73
C PRO B 854 -18.86 -32.91 6.03
N ALA B 855 -18.12 -33.38 5.03
CA ALA B 855 -17.06 -34.35 5.22
C ALA B 855 -15.72 -33.69 5.52
N SER B 856 -15.73 -32.50 6.10
CA SER B 856 -14.49 -31.76 6.33
C SER B 856 -13.56 -32.51 7.27
N LEU B 857 -14.10 -33.38 8.12
CA LEU B 857 -13.25 -34.10 9.08
C LEU B 857 -12.29 -35.05 8.39
N ALA B 858 -12.59 -35.46 7.15
CA ALA B 858 -11.74 -36.41 6.44
C ALA B 858 -10.61 -35.74 5.68
N LEU B 859 -10.43 -34.43 5.83
CA LEU B 859 -9.42 -33.72 5.06
C LEU B 859 -8.02 -34.29 5.24
N PRO B 860 -7.55 -34.64 6.44
CA PRO B 860 -6.21 -35.26 6.55
C PRO B 860 -6.05 -36.54 5.76
N PHE B 861 -7.09 -37.38 5.70
CA PHE B 861 -7.00 -38.62 4.93
C PHE B 861 -6.89 -38.32 3.44
N VAL B 862 -7.73 -37.41 2.94
CA VAL B 862 -7.64 -37.00 1.54
C VAL B 862 -6.29 -36.36 1.28
N LEU B 863 -5.70 -35.76 2.30
CA LEU B 863 -4.36 -35.17 2.17
C LEU B 863 -3.31 -36.24 1.96
N ILE B 864 -3.30 -37.27 2.82
CA ILE B 864 -2.34 -38.35 2.64
C ILE B 864 -2.64 -39.18 1.41
N LEU B 865 -3.82 -39.03 0.82
CA LEU B 865 -4.11 -39.68 -0.45
C LEU B 865 -3.26 -39.14 -1.59
N THR B 866 -2.57 -38.00 -1.39
CA THR B 866 -1.67 -37.50 -2.41
C THR B 866 -0.36 -38.26 -2.45
N VAL B 867 -0.10 -39.13 -1.47
CA VAL B 867 1.11 -39.93 -1.43
C VAL B 867 1.03 -41.03 -2.48
N PRO B 868 -0.03 -41.84 -2.50
CA PRO B 868 -0.16 -42.81 -3.60
C PRO B 868 -0.21 -42.16 -4.97
N LEU B 869 -0.74 -40.94 -5.05
CA LEU B 869 -0.74 -40.23 -6.34
C LEU B 869 0.69 -39.95 -6.79
N ARG B 870 1.53 -39.45 -5.89
CA ARG B 870 2.93 -39.22 -6.24
C ARG B 870 3.63 -40.54 -6.58
N ARG B 871 3.36 -41.59 -5.79
CA ARG B 871 4.12 -42.82 -5.90
C ARG B 871 3.65 -43.72 -7.05
N VAL B 872 2.46 -43.49 -7.61
CA VAL B 872 1.91 -44.41 -8.60
C VAL B 872 1.60 -43.70 -9.91
N LEU B 873 0.67 -42.75 -9.88
CA LEU B 873 0.17 -42.16 -11.12
C LEU B 873 1.18 -41.20 -11.75
N LEU B 874 1.83 -40.39 -10.93
CA LEU B 874 2.80 -39.44 -11.47
C LEU B 874 3.90 -40.15 -12.25
N PRO B 875 4.48 -41.25 -11.79
CA PRO B 875 5.40 -42.00 -12.67
C PRO B 875 4.79 -42.39 -14.00
N LEU B 876 3.51 -42.77 -14.02
CA LEU B 876 2.88 -43.14 -15.27
C LEU B 876 2.79 -41.96 -16.23
N ILE B 877 2.47 -40.77 -15.70
CA ILE B 877 2.28 -39.61 -16.57
C ILE B 877 3.54 -38.77 -16.75
N PHE B 878 4.58 -39.02 -15.96
CA PHE B 878 5.81 -38.22 -16.01
C PHE B 878 7.01 -39.15 -16.08
N ARG B 879 8.10 -38.63 -16.64
CA ARG B 879 9.36 -39.37 -16.69
C ARG B 879 10.12 -39.20 -15.39
N ASN B 880 11.06 -40.12 -15.16
CA ASN B 880 11.76 -40.15 -13.87
C ASN B 880 12.56 -38.87 -13.64
N VAL B 881 13.22 -38.35 -14.67
CA VAL B 881 14.02 -37.14 -14.51
C VAL B 881 13.12 -35.97 -14.16
N GLU B 882 11.95 -35.87 -14.81
CA GLU B 882 11.04 -34.76 -14.52
C GLU B 882 10.58 -34.81 -13.07
N LEU B 883 10.28 -36.02 -12.57
CA LEU B 883 9.85 -36.13 -11.17
C LEU B 883 11.00 -35.89 -10.21
N GLN B 884 12.22 -36.26 -10.59
CA GLN B 884 13.37 -36.00 -9.74
C GLN B 884 13.63 -34.51 -9.61
N CYS B 885 13.40 -33.77 -10.70
CA CYS B 885 13.67 -32.33 -10.68
C CYS B 885 12.52 -31.55 -10.05
N LEU B 886 11.28 -31.82 -10.47
CA LEU B 886 10.14 -31.09 -9.94
C LEU B 886 9.93 -31.37 -8.46
N ASP B 887 10.00 -32.63 -8.06
CA ASP B 887 9.77 -33.05 -6.68
C ASP B 887 11.13 -33.47 -6.10
N ALA B 888 11.84 -32.50 -5.53
CA ALA B 888 13.18 -32.70 -5.03
C ALA B 888 13.16 -32.92 -3.53
N ASP B 889 14.10 -33.74 -3.05
CA ASP B 889 14.25 -33.96 -1.61
C ASP B 889 14.76 -32.71 -0.92
N ASP B 890 15.62 -31.94 -1.58
CA ASP B 890 16.18 -30.73 -0.99
C ASP B 890 16.07 -29.56 -1.96
#